data_4HNW
#
_entry.id   4HNW
#
_cell.length_a   135.662
_cell.length_b   135.662
_cell.length_c   175.801
_cell.angle_alpha   90.00
_cell.angle_beta   90.00
_cell.angle_gamma   120.00
#
_symmetry.space_group_name_H-M   'P 31 2 1'
#
loop_
_entity.id
_entity.type
_entity.pdbx_description
1 polymer 'N-terminal acetyltransferase A complex subunit NAT1'
2 polymer 'N-terminal acetyltransferase A complex catalytic subunit ARD1'
3 non-polymer 'INOSITOL HEXAKISPHOSPHATE'
4 non-polymer 'TETRAETHYLENE GLYCOL'
5 water water
#
loop_
_entity_poly.entity_id
_entity_poly.type
_entity_poly.pdbx_seq_one_letter_code
_entity_poly.pdbx_strand_id
1 'polypeptide(L)'
;MSRKRSTKPKPAAKIALKKENDQFLEALKLYEGKQYKKSLKLLDAILKKDGSHVDSLALKGLDLYSVGEKDDAASYVANA
IRKIEGASASPICCHVLGIYMRNTKEYKESIKWFTAALNNGSTNKQIYRDLATLQSQIGDFKNALVSRKKYWEAFLGYRA
NWTSLAVAQDVNGERQQAINTLSQFEKLAEGKISDSEKYEHSECLMYKNDIMYKAASDNQDKLQNVLKHLNDIEPCVFDK
FGLLERKATIYMKLGQLKDASIVYRTLIKRNPDNFKYYKLLEVSLGIQGDNKLKKALYGKLEQFYPRCEPPKFIPLTFLQ
DKEELSKKLREYVLPQLERGVPATFSNVKPLYQRRKSKVSPLLEKIVLDYLSGLDPTQDPIPFIWTNYYLSQHFLFLKDF
PKAQEYIDAALDHTPTLVEFYILKARILKHLGLMDTAAGILEEGRQLDLQDRFINCKTVKYFLRANNIDKAVEVASLFTK
NDDSVNGIKDLHLVEASWFIVEQAEAYYRLYLDRKKKLDDLASLKKEVESDKSEQIANDIKENQWLVRKYKGLALKRFNA
IPKFYKQFEDDQLDFHSYCMRKGTPRAYLEMLEWGKALYTKPMYVRAMKEASKLYFQMHDDRLKRKSDSLDENSDEIQNN
GQNSSSQKKKAKKEAAAMNKRKETEAKSVAAYPSDQDNDVFGEKLIETSTPMEDFATEFYNNYSMQVREDERDYILDFEF
NYRIGKLALCFASLNKFAKRFGTTSGLFGSMAIVLLHATRNDTPFDPILKKVVTKSLEKEYSENFPLNEISNNSFDWLNF
YQEKFGKNDINGLLFLYRYRDDVPIGSSNLKEMIISSLSPLEPHSQNEILQYYLYPYDVPDYA
;
A
2 'polypeptide(L)'
;MPINIRRATINDIICMQNANLHNLPENYMMKYYMYHILSWPEASFVATTTTLDCEDSDEQDENDKLELTLDGTNDGRTIK
LDPTYLAPGEKLVGYVLVKMNDDPDQQNEPPNGHITSLSVMRTYRRMGIAENLMRQALFALREVHQAEYVSLHVRQSNRA
ALHLYRDTLAFEVLSIEKSYYQDGEDAYAMKKVLKLEELQISNFTHRRLKENEEKLEDDLESDLLEDIIKQGVNDIIVEQ
KLISEEDL
;
B
#
# COMPACT_ATOMS: atom_id res chain seq x y z
N ILE A 15 -54.49 1.44 -30.57
CA ILE A 15 -53.20 1.03 -30.04
C ILE A 15 -52.18 2.16 -30.15
N ALA A 16 -52.33 3.17 -29.30
CA ALA A 16 -51.39 4.30 -29.27
C ALA A 16 -50.22 3.99 -28.33
N LEU A 17 -50.11 2.73 -27.93
CA LEU A 17 -48.99 2.29 -27.10
C LEU A 17 -47.71 2.26 -27.92
N LYS A 18 -47.83 1.93 -29.19
CA LYS A 18 -46.69 1.95 -30.11
C LYS A 18 -46.20 3.40 -30.25
N LYS A 19 -47.12 4.34 -30.12
CA LYS A 19 -46.77 5.76 -30.21
C LYS A 19 -45.90 6.18 -29.02
N GLU A 20 -46.20 5.65 -27.84
CA GLU A 20 -45.44 5.99 -26.64
C GLU A 20 -44.18 5.14 -26.55
N ASN A 21 -44.25 3.93 -27.10
CA ASN A 21 -43.12 3.01 -27.06
C ASN A 21 -41.99 3.46 -28.00
N ASP A 22 -42.36 4.10 -29.10
CA ASP A 22 -41.38 4.62 -30.04
C ASP A 22 -40.70 5.86 -29.46
N GLN A 23 -41.45 6.64 -28.71
CA GLN A 23 -40.90 7.82 -28.06
C GLN A 23 -39.89 7.42 -26.98
N PHE A 24 -40.16 6.29 -26.32
CA PHE A 24 -39.24 5.76 -25.34
C PHE A 24 -37.94 5.31 -25.98
N LEU A 25 -38.06 4.53 -27.05
CA LEU A 25 -36.88 4.08 -27.79
C LEU A 25 -36.03 5.28 -28.22
N GLU A 26 -36.69 6.39 -28.51
CA GLU A 26 -35.97 7.62 -28.84
C GLU A 26 -35.24 8.14 -27.61
N ALA A 27 -35.91 8.07 -26.46
CA ALA A 27 -35.30 8.47 -25.20
C ALA A 27 -34.09 7.60 -24.89
N LEU A 28 -34.20 6.32 -25.20
CA LEU A 28 -33.13 5.37 -24.96
C LEU A 28 -31.92 5.71 -25.83
N LYS A 29 -32.17 5.95 -27.11
CA LYS A 29 -31.10 6.33 -28.03
C LYS A 29 -30.45 7.64 -27.60
N LEU A 30 -31.28 8.58 -27.14
CA LEU A 30 -30.77 9.87 -26.68
C LEU A 30 -29.86 9.69 -25.46
N TYR A 31 -30.21 8.75 -24.60
CA TYR A 31 -29.37 8.42 -23.45
C TYR A 31 -28.07 7.76 -23.90
N GLU A 32 -28.18 6.85 -24.86
CA GLU A 32 -27.01 6.15 -25.38
C GLU A 32 -26.02 7.14 -25.99
N GLY A 33 -26.54 8.21 -26.56
CA GLY A 33 -25.70 9.24 -27.15
C GLY A 33 -25.13 10.19 -26.12
N LYS A 34 -25.37 9.90 -24.84
CA LYS A 34 -24.88 10.72 -23.75
C LYS A 34 -25.57 12.09 -23.72
N GLN A 35 -26.79 12.14 -24.25
CA GLN A 35 -27.60 13.35 -24.22
C GLN A 35 -28.77 13.18 -23.26
N TYR A 36 -28.48 13.27 -21.97
CA TYR A 36 -29.47 12.98 -20.94
C TYR A 36 -30.59 14.01 -20.91
N LYS A 37 -30.22 15.28 -20.86
CA LYS A 37 -31.20 16.37 -20.80
C LYS A 37 -32.35 16.15 -21.79
N LYS A 38 -32.01 15.96 -23.06
CA LYS A 38 -33.00 15.67 -24.09
C LYS A 38 -33.81 14.44 -23.70
N SER A 39 -33.10 13.34 -23.42
CA SER A 39 -33.75 12.07 -23.09
C SER A 39 -34.78 12.23 -21.98
N LEU A 40 -34.53 13.17 -21.07
CA LEU A 40 -35.46 13.45 -19.99
C LEU A 40 -36.69 14.17 -20.50
N LYS A 41 -36.48 15.20 -21.31
CA LYS A 41 -37.59 15.95 -21.88
C LYS A 41 -38.59 15.00 -22.53
N LEU A 42 -38.10 14.16 -23.44
CA LEU A 42 -38.94 13.18 -24.12
C LEU A 42 -39.60 12.26 -23.11
N LEU A 43 -38.88 11.93 -22.03
CA LEU A 43 -39.38 11.01 -21.01
C LEU A 43 -40.49 11.65 -20.19
N ASP A 44 -40.23 12.84 -19.65
CA ASP A 44 -41.24 13.58 -18.90
C ASP A 44 -42.53 13.67 -19.69
N ALA A 45 -42.41 13.72 -21.01
CA ALA A 45 -43.57 13.78 -21.88
C ALA A 45 -44.37 12.49 -21.80
N ILE A 46 -43.67 11.36 -21.73
CA ILE A 46 -44.34 10.07 -21.62
C ILE A 46 -44.91 9.91 -20.21
N LEU A 47 -44.22 10.46 -19.22
CA LEU A 47 -44.65 10.38 -17.83
C LEU A 47 -45.68 11.46 -17.51
N LYS A 48 -46.53 11.78 -18.48
CA LYS A 48 -47.64 12.69 -18.28
C LYS A 48 -48.93 12.02 -18.75
N LYS A 49 -48.88 11.39 -19.92
CA LYS A 49 -50.02 10.65 -20.44
C LYS A 49 -50.18 9.31 -19.74
N ASP A 50 -49.05 8.73 -19.32
CA ASP A 50 -49.08 7.43 -18.66
C ASP A 50 -48.71 7.55 -17.18
N GLY A 51 -47.46 7.90 -16.90
CA GLY A 51 -47.00 8.07 -15.53
C GLY A 51 -46.70 6.76 -14.84
N SER A 52 -47.22 5.65 -15.38
CA SER A 52 -47.00 4.33 -14.81
C SER A 52 -46.26 3.44 -15.79
N HIS A 53 -45.54 4.07 -16.71
CA HIS A 53 -44.76 3.34 -17.71
C HIS A 53 -43.39 2.99 -17.12
N VAL A 54 -43.24 1.72 -16.71
CA VAL A 54 -42.05 1.29 -15.98
C VAL A 54 -40.76 1.58 -16.73
N ASP A 55 -40.77 1.36 -18.05
CA ASP A 55 -39.58 1.58 -18.87
C ASP A 55 -39.06 3.01 -18.73
N SER A 56 -39.96 3.97 -18.87
CA SER A 56 -39.58 5.38 -18.82
C SER A 56 -39.19 5.80 -17.40
N LEU A 57 -39.84 5.21 -16.41
CA LEU A 57 -39.51 5.49 -15.02
C LEU A 57 -38.07 5.05 -14.74
N ALA A 58 -37.74 3.85 -15.19
CA ALA A 58 -36.40 3.32 -15.03
C ALA A 58 -35.38 4.20 -15.73
N LEU A 59 -35.56 4.39 -17.04
CA LEU A 59 -34.62 5.19 -17.82
C LEU A 59 -34.52 6.61 -17.27
N LYS A 60 -35.63 7.14 -16.76
CA LYS A 60 -35.61 8.45 -16.12
C LYS A 60 -34.70 8.42 -14.91
N GLY A 61 -34.84 7.39 -14.09
CA GLY A 61 -34.00 7.23 -12.92
C GLY A 61 -32.54 7.22 -13.32
N LEU A 62 -32.24 6.51 -14.40
CA LEU A 62 -30.87 6.41 -14.91
C LEU A 62 -30.38 7.76 -15.43
N ASP A 63 -31.24 8.46 -16.17
CA ASP A 63 -30.90 9.79 -16.67
C ASP A 63 -30.62 10.74 -15.51
N LEU A 64 -31.52 10.74 -14.53
CA LEU A 64 -31.37 11.61 -13.36
C LEU A 64 -30.02 11.37 -12.71
N TYR A 65 -29.64 10.10 -12.57
CA TYR A 65 -28.34 9.77 -11.99
C TYR A 65 -27.21 10.39 -12.79
N SER A 66 -27.31 10.30 -14.11
CA SER A 66 -26.25 10.78 -15.00
C SER A 66 -26.01 12.27 -14.89
N VAL A 67 -27.01 13.02 -14.41
CA VAL A 67 -26.87 14.47 -14.32
C VAL A 67 -26.65 14.94 -12.88
N GLY A 68 -26.60 14.00 -11.94
CA GLY A 68 -26.30 14.34 -10.56
C GLY A 68 -27.52 14.39 -9.66
N GLU A 69 -28.70 14.25 -10.24
CA GLU A 69 -29.93 14.17 -9.46
C GLU A 69 -30.02 12.79 -8.82
N LYS A 70 -29.13 12.52 -7.87
CA LYS A 70 -29.01 11.19 -7.28
C LYS A 70 -30.25 10.78 -6.49
N ASP A 71 -30.69 11.66 -5.58
CA ASP A 71 -31.82 11.34 -4.70
C ASP A 71 -33.08 11.03 -5.49
N ASP A 72 -33.35 11.84 -6.52
CA ASP A 72 -34.55 11.65 -7.32
C ASP A 72 -34.42 10.43 -8.21
N ALA A 73 -33.20 10.15 -8.67
CA ALA A 73 -32.94 8.96 -9.45
C ALA A 73 -33.36 7.73 -8.65
N ALA A 74 -32.87 7.65 -7.41
CA ALA A 74 -33.20 6.56 -6.51
C ALA A 74 -34.71 6.44 -6.35
N SER A 75 -35.40 7.57 -6.34
CA SER A 75 -36.84 7.59 -6.17
C SER A 75 -37.55 7.00 -7.38
N TYR A 76 -37.09 7.36 -8.58
CA TYR A 76 -37.70 6.85 -9.81
C TYR A 76 -37.33 5.38 -10.02
N VAL A 77 -36.13 4.99 -9.60
CA VAL A 77 -35.71 3.60 -9.66
C VAL A 77 -36.51 2.80 -8.64
N ALA A 78 -36.69 3.37 -7.45
CA ALA A 78 -37.45 2.74 -6.39
C ALA A 78 -38.90 2.59 -6.83
N ASN A 79 -39.47 3.66 -7.36
CA ASN A 79 -40.84 3.65 -7.85
C ASN A 79 -41.00 2.58 -8.92
N ALA A 80 -40.15 2.65 -9.94
CA ALA A 80 -40.18 1.68 -11.03
C ALA A 80 -40.17 0.25 -10.49
N ILE A 81 -39.25 -0.03 -9.59
CA ILE A 81 -39.11 -1.37 -9.02
C ILE A 81 -40.34 -1.78 -8.21
N ARG A 82 -40.92 -0.83 -7.50
CA ARG A 82 -42.12 -1.10 -6.70
C ARG A 82 -43.30 -1.42 -7.60
N LYS A 83 -43.37 -0.76 -8.76
CA LYS A 83 -44.46 -0.97 -9.71
C LYS A 83 -44.21 -2.20 -10.58
N ILE A 84 -43.10 -2.90 -10.35
CA ILE A 84 -42.78 -4.11 -11.10
C ILE A 84 -43.13 -5.36 -10.30
N GLU A 85 -42.95 -5.30 -8.99
CA GLU A 85 -43.23 -6.43 -8.12
C GLU A 85 -44.73 -6.75 -8.11
N SER A 88 -43.15 -8.86 -13.56
CA SER A 88 -41.88 -8.76 -14.24
C SER A 88 -41.78 -7.47 -15.05
N ALA A 89 -40.71 -7.35 -15.84
CA ALA A 89 -40.47 -6.14 -16.62
C ALA A 89 -39.92 -6.49 -18.00
N SER A 90 -39.83 -5.47 -18.86
CA SER A 90 -39.30 -5.64 -20.20
C SER A 90 -37.79 -5.86 -20.15
N PRO A 91 -37.25 -6.58 -21.15
CA PRO A 91 -35.81 -6.83 -21.23
C PRO A 91 -34.99 -5.54 -21.16
N ILE A 92 -35.48 -4.46 -21.76
CA ILE A 92 -34.78 -3.18 -21.72
C ILE A 92 -34.83 -2.60 -20.30
N CYS A 93 -35.95 -2.77 -19.64
CA CYS A 93 -36.11 -2.25 -18.28
C CYS A 93 -35.10 -2.90 -17.34
N CYS A 94 -35.07 -4.22 -17.34
CA CYS A 94 -34.10 -4.96 -16.55
C CYS A 94 -32.69 -4.51 -16.87
N HIS A 95 -32.40 -4.35 -18.17
CA HIS A 95 -31.10 -3.90 -18.62
C HIS A 95 -30.78 -2.52 -18.01
N VAL A 96 -31.69 -1.58 -18.19
CA VAL A 96 -31.50 -0.22 -17.68
C VAL A 96 -31.28 -0.21 -16.17
N LEU A 97 -31.97 -1.10 -15.46
CA LEU A 97 -31.84 -1.17 -14.01
C LEU A 97 -30.49 -1.77 -13.64
N GLY A 98 -30.05 -2.76 -14.40
CA GLY A 98 -28.75 -3.37 -14.18
C GLY A 98 -27.67 -2.31 -14.19
N ILE A 99 -27.77 -1.38 -15.14
CA ILE A 99 -26.79 -0.31 -15.28
C ILE A 99 -26.83 0.64 -14.10
N TYR A 100 -28.02 1.02 -13.67
CA TYR A 100 -28.16 1.92 -12.53
C TYR A 100 -27.53 1.30 -11.28
N MET A 101 -27.71 0.00 -11.11
CA MET A 101 -27.17 -0.70 -9.96
C MET A 101 -25.65 -0.83 -10.08
N ARG A 102 -25.17 -0.95 -11.31
CA ARG A 102 -23.73 -1.00 -11.55
C ARG A 102 -23.11 0.35 -11.20
N ASN A 103 -23.78 1.43 -11.59
CA ASN A 103 -23.29 2.79 -11.34
C ASN A 103 -23.30 3.14 -9.86
N THR A 104 -24.27 2.62 -9.12
CA THR A 104 -24.38 2.90 -7.70
C THR A 104 -23.75 1.80 -6.85
N LYS A 105 -22.84 1.03 -7.44
CA LYS A 105 -22.04 0.06 -6.72
C LYS A 105 -22.87 -1.06 -6.08
N GLU A 106 -24.12 -1.21 -6.54
CA GLU A 106 -24.96 -2.32 -6.07
C GLU A 106 -24.81 -3.50 -7.03
N TYR A 107 -23.72 -4.26 -6.88
CA TYR A 107 -23.32 -5.25 -7.87
C TYR A 107 -24.16 -6.52 -7.85
N LYS A 108 -24.50 -7.01 -6.67
CA LYS A 108 -25.38 -8.17 -6.57
C LYS A 108 -26.74 -7.83 -7.16
N GLU A 109 -27.21 -6.62 -6.87
CA GLU A 109 -28.49 -6.16 -7.41
C GLU A 109 -28.39 -6.04 -8.93
N SER A 110 -27.25 -5.50 -9.39
CA SER A 110 -27.01 -5.35 -10.81
C SER A 110 -27.06 -6.69 -11.52
N ILE A 111 -26.52 -7.72 -10.87
CA ILE A 111 -26.50 -9.05 -11.45
C ILE A 111 -27.92 -9.64 -11.55
N LYS A 112 -28.79 -9.25 -10.64
CA LYS A 112 -30.18 -9.72 -10.68
C LYS A 112 -30.90 -9.17 -11.90
N TRP A 113 -30.80 -7.87 -12.12
CA TRP A 113 -31.54 -7.23 -13.21
C TRP A 113 -30.95 -7.59 -14.57
N PHE A 114 -29.62 -7.54 -14.69
CA PHE A 114 -28.96 -7.99 -15.90
C PHE A 114 -29.36 -9.44 -16.21
N THR A 115 -29.58 -10.21 -15.15
CA THR A 115 -30.01 -11.60 -15.30
C THR A 115 -31.46 -11.68 -15.73
N ALA A 116 -32.30 -10.85 -15.13
CA ALA A 116 -33.72 -10.81 -15.46
C ALA A 116 -33.91 -10.40 -16.92
N ALA A 117 -33.07 -9.50 -17.39
CA ALA A 117 -33.11 -9.07 -18.79
C ALA A 117 -33.08 -10.28 -19.71
N LEU A 118 -32.22 -11.24 -19.38
CA LEU A 118 -32.07 -12.44 -20.19
C LEU A 118 -33.23 -13.41 -19.98
N ASN A 119 -33.70 -13.54 -18.74
CA ASN A 119 -34.84 -14.40 -18.45
C ASN A 119 -36.09 -13.93 -19.17
N ASN A 120 -36.29 -12.62 -19.21
CA ASN A 120 -37.45 -12.04 -19.87
C ASN A 120 -37.27 -11.96 -21.39
N GLY A 121 -36.20 -12.59 -21.88
CA GLY A 121 -36.06 -12.82 -23.31
C GLY A 121 -35.26 -11.76 -24.05
N SER A 122 -34.17 -11.28 -23.45
CA SER A 122 -33.30 -10.35 -24.14
C SER A 122 -32.49 -11.07 -25.20
N THR A 123 -32.28 -10.40 -26.32
CA THR A 123 -31.47 -10.93 -27.41
C THR A 123 -30.06 -10.35 -27.36
N ASN A 124 -29.84 -9.40 -26.46
CA ASN A 124 -28.56 -8.71 -26.37
C ASN A 124 -27.52 -9.57 -25.65
N LYS A 125 -26.73 -10.30 -26.44
CA LYS A 125 -25.74 -11.20 -25.87
C LYS A 125 -24.55 -10.45 -25.26
N GLN A 126 -24.52 -9.13 -25.45
CA GLN A 126 -23.48 -8.29 -24.85
C GLN A 126 -23.67 -8.16 -23.33
N ILE A 127 -24.83 -8.62 -22.85
CA ILE A 127 -25.11 -8.57 -21.41
C ILE A 127 -24.23 -9.55 -20.64
N TYR A 128 -23.75 -10.59 -21.31
CA TYR A 128 -22.94 -11.59 -20.65
C TYR A 128 -21.58 -11.04 -20.21
N ARG A 129 -21.05 -10.06 -20.95
CA ARG A 129 -19.79 -9.44 -20.59
C ARG A 129 -19.97 -8.56 -19.36
N ASP A 130 -21.10 -7.85 -19.31
CA ASP A 130 -21.45 -7.07 -18.14
C ASP A 130 -21.52 -7.98 -16.91
N LEU A 131 -22.19 -9.12 -17.05
CA LEU A 131 -22.30 -10.08 -15.96
C LEU A 131 -20.94 -10.62 -15.57
N ALA A 132 -20.15 -11.04 -16.57
CA ALA A 132 -18.84 -11.59 -16.32
C ALA A 132 -18.01 -10.67 -15.42
N THR A 133 -18.12 -9.36 -15.66
CA THR A 133 -17.38 -8.38 -14.89
C THR A 133 -17.91 -8.28 -13.46
N LEU A 134 -19.22 -8.12 -13.34
CA LEU A 134 -19.85 -7.99 -12.02
C LEU A 134 -19.63 -9.23 -11.17
N GLN A 135 -19.83 -10.39 -11.76
CA GLN A 135 -19.68 -11.66 -11.06
C GLN A 135 -18.22 -11.88 -10.64
N SER A 136 -17.29 -11.40 -11.46
CA SER A 136 -15.89 -11.42 -11.09
C SER A 136 -15.65 -10.48 -9.92
N GLN A 137 -16.25 -9.30 -9.97
CA GLN A 137 -16.05 -8.28 -8.96
C GLN A 137 -16.48 -8.74 -7.56
N ILE A 138 -17.60 -9.45 -7.47
CA ILE A 138 -18.10 -9.91 -6.19
C ILE A 138 -17.50 -11.26 -5.81
N GLY A 139 -16.54 -11.72 -6.62
CA GLY A 139 -15.81 -12.94 -6.33
C GLY A 139 -16.59 -14.21 -6.62
N ASP A 140 -17.58 -14.12 -7.50
CA ASP A 140 -18.35 -15.29 -7.91
C ASP A 140 -17.88 -15.76 -9.29
N PHE A 141 -16.74 -16.45 -9.32
CA PHE A 141 -16.13 -16.85 -10.57
C PHE A 141 -16.77 -18.11 -11.16
N LYS A 142 -17.45 -18.90 -10.34
CA LYS A 142 -18.15 -20.07 -10.84
C LYS A 142 -19.17 -19.63 -11.89
N ASN A 143 -19.94 -18.59 -11.55
CA ASN A 143 -20.94 -18.05 -12.48
C ASN A 143 -20.33 -17.13 -13.53
N ALA A 144 -19.28 -16.41 -13.16
CA ALA A 144 -18.57 -15.57 -14.12
C ALA A 144 -18.12 -16.43 -15.30
N LEU A 145 -17.63 -17.63 -14.98
CA LEU A 145 -17.16 -18.56 -16.00
C LEU A 145 -18.29 -18.92 -16.96
N VAL A 146 -19.50 -19.09 -16.43
CA VAL A 146 -20.65 -19.40 -17.26
C VAL A 146 -20.91 -18.26 -18.23
N SER A 147 -20.68 -17.03 -17.78
CA SER A 147 -20.90 -15.85 -18.61
C SER A 147 -19.78 -15.67 -19.63
N ARG A 148 -18.55 -15.94 -19.22
CA ARG A 148 -17.41 -15.84 -20.12
C ARG A 148 -17.57 -16.80 -21.29
N LYS A 149 -18.14 -17.97 -21.01
CA LYS A 149 -18.31 -19.01 -22.03
C LYS A 149 -19.41 -18.64 -23.02
N LYS A 150 -20.55 -18.21 -22.52
CA LYS A 150 -21.66 -17.83 -23.39
C LYS A 150 -21.26 -16.65 -24.28
N TYR A 151 -20.63 -15.65 -23.68
CA TYR A 151 -20.18 -14.48 -24.44
C TYR A 151 -19.15 -14.92 -25.49
N TRP A 152 -18.25 -15.82 -25.08
CA TRP A 152 -17.23 -16.34 -25.97
C TRP A 152 -17.88 -17.05 -27.17
N GLU A 153 -18.96 -17.77 -26.92
CA GLU A 153 -19.66 -18.48 -27.98
C GLU A 153 -20.29 -17.50 -28.96
N ALA A 154 -20.85 -16.42 -28.43
CA ALA A 154 -21.56 -15.45 -29.27
C ALA A 154 -20.60 -14.59 -30.08
N PHE A 155 -19.35 -14.47 -29.62
CA PHE A 155 -18.38 -13.62 -30.29
C PHE A 155 -16.98 -14.23 -30.25
N LEU A 156 -16.74 -15.19 -31.14
CA LEU A 156 -15.44 -15.85 -31.22
C LEU A 156 -14.40 -14.96 -31.89
N GLY A 157 -14.83 -13.82 -32.40
CA GLY A 157 -13.97 -12.97 -33.21
C GLY A 157 -12.90 -12.22 -32.45
N TYR A 158 -13.21 -11.82 -31.22
CA TYR A 158 -12.30 -10.97 -30.45
C TYR A 158 -11.48 -11.78 -29.46
N ARG A 159 -10.15 -11.65 -29.55
CA ARG A 159 -9.25 -12.43 -28.71
C ARG A 159 -9.52 -12.24 -27.22
N ALA A 160 -9.92 -11.03 -26.84
CA ALA A 160 -10.21 -10.72 -25.44
C ALA A 160 -11.19 -11.74 -24.85
N ASN A 161 -12.11 -12.21 -25.69
CA ASN A 161 -13.11 -13.17 -25.23
C ASN A 161 -12.51 -14.54 -24.98
N TRP A 162 -11.39 -14.83 -25.64
CA TRP A 162 -10.66 -16.07 -25.41
C TRP A 162 -9.88 -15.97 -24.11
N THR A 163 -9.06 -14.93 -23.99
CA THR A 163 -8.26 -14.72 -22.80
C THR A 163 -9.15 -14.65 -21.56
N SER A 164 -10.30 -13.99 -21.69
CA SER A 164 -11.24 -13.86 -20.60
C SER A 164 -11.62 -15.25 -20.11
N LEU A 165 -11.95 -16.12 -21.07
CA LEU A 165 -12.42 -17.46 -20.77
C LEU A 165 -11.32 -18.31 -20.13
N ALA A 166 -10.12 -18.25 -20.69
CA ALA A 166 -8.99 -19.00 -20.14
C ALA A 166 -8.76 -18.60 -18.69
N VAL A 167 -8.86 -17.30 -18.40
CA VAL A 167 -8.69 -16.79 -17.05
C VAL A 167 -9.77 -17.35 -16.13
N ALA A 168 -11.02 -17.26 -16.56
CA ALA A 168 -12.12 -17.79 -15.77
C ALA A 168 -11.91 -19.27 -15.50
N GLN A 169 -11.44 -20.00 -16.50
CA GLN A 169 -11.18 -21.42 -16.37
C GLN A 169 -10.02 -21.65 -15.43
N ASP A 170 -8.97 -20.85 -15.60
CA ASP A 170 -7.81 -20.91 -14.73
C ASP A 170 -8.21 -20.71 -13.28
N VAL A 171 -8.96 -19.64 -13.03
CA VAL A 171 -9.39 -19.30 -11.68
C VAL A 171 -10.24 -20.40 -11.07
N ASN A 172 -11.01 -21.09 -11.89
CA ASN A 172 -11.89 -22.15 -11.38
C ASN A 172 -11.21 -23.51 -11.26
N GLY A 173 -9.90 -23.54 -11.47
CA GLY A 173 -9.13 -24.76 -11.31
C GLY A 173 -9.06 -25.60 -12.59
N GLU A 174 -9.82 -25.21 -13.60
CA GLU A 174 -9.83 -25.94 -14.86
C GLU A 174 -8.61 -25.56 -15.70
N ARG A 175 -7.44 -25.95 -15.21
CA ARG A 175 -6.18 -25.58 -15.83
C ARG A 175 -6.05 -26.12 -17.26
N GLN A 176 -6.41 -27.38 -17.46
CA GLN A 176 -6.33 -27.99 -18.79
C GLN A 176 -7.24 -27.24 -19.78
N GLN A 177 -8.44 -26.90 -19.33
CA GLN A 177 -9.39 -26.19 -20.19
C GLN A 177 -8.83 -24.83 -20.57
N ALA A 178 -8.27 -24.12 -19.58
CA ALA A 178 -7.68 -22.82 -19.81
C ALA A 178 -6.56 -22.92 -20.85
N ILE A 179 -5.73 -23.94 -20.72
CA ILE A 179 -4.64 -24.17 -21.66
C ILE A 179 -5.17 -24.41 -23.07
N ASN A 180 -6.24 -25.20 -23.16
CA ASN A 180 -6.83 -25.52 -24.46
C ASN A 180 -7.51 -24.31 -25.10
N THR A 181 -8.03 -23.41 -24.27
CA THR A 181 -8.67 -22.20 -24.78
C THR A 181 -7.62 -21.27 -25.39
N LEU A 182 -6.50 -21.12 -24.70
CA LEU A 182 -5.41 -20.30 -25.19
C LEU A 182 -4.81 -20.92 -26.46
N SER A 183 -4.57 -22.23 -26.41
CA SER A 183 -4.02 -22.96 -27.55
C SER A 183 -4.91 -22.85 -28.77
N GLN A 184 -6.22 -22.94 -28.54
CA GLN A 184 -7.16 -22.91 -29.65
C GLN A 184 -6.98 -21.64 -30.48
N PHE A 185 -6.90 -20.49 -29.82
CA PHE A 185 -6.75 -19.23 -30.52
C PHE A 185 -5.43 -19.18 -31.27
N GLU A 186 -4.36 -19.65 -30.63
CA GLU A 186 -3.06 -19.70 -31.27
C GLU A 186 -3.17 -20.38 -32.62
N LYS A 187 -3.90 -21.49 -32.67
CA LYS A 187 -4.04 -22.26 -33.90
C LYS A 187 -4.83 -21.49 -34.96
N LEU A 188 -5.92 -20.85 -34.55
CA LEU A 188 -6.72 -20.05 -35.48
C LEU A 188 -5.94 -18.82 -35.95
N ALA A 189 -5.09 -18.29 -35.07
CA ALA A 189 -4.41 -17.03 -35.33
C ALA A 189 -3.06 -17.22 -36.03
N GLU A 190 -2.66 -18.45 -36.26
CA GLU A 190 -1.39 -18.73 -36.92
C GLU A 190 -1.30 -18.01 -38.26
N GLY A 191 -0.27 -17.17 -38.40
CA GLY A 191 -0.04 -16.43 -39.63
C GLY A 191 -0.90 -15.19 -39.74
N LYS A 192 -1.53 -14.79 -38.64
CA LYS A 192 -2.42 -13.64 -38.66
C LYS A 192 -2.18 -12.73 -37.45
N ILE A 193 -0.94 -12.71 -36.96
CA ILE A 193 -0.59 -11.85 -35.84
C ILE A 193 0.13 -10.61 -36.33
N SER A 194 -0.62 -9.52 -36.52
CA SER A 194 -0.03 -8.25 -36.91
C SER A 194 0.89 -7.74 -35.83
N ASP A 195 1.75 -6.78 -36.18
CA ASP A 195 2.74 -6.27 -35.24
C ASP A 195 2.11 -5.58 -34.04
N SER A 196 0.93 -5.01 -34.23
CA SER A 196 0.26 -4.29 -33.15
C SER A 196 -0.37 -5.27 -32.14
N GLU A 197 -0.34 -6.56 -32.47
CA GLU A 197 -0.92 -7.57 -31.60
C GLU A 197 0.14 -8.49 -31.02
N LYS A 198 1.37 -8.34 -31.50
CA LYS A 198 2.48 -9.19 -31.04
C LYS A 198 2.60 -9.17 -29.52
N TYR A 199 2.30 -8.02 -28.90
CA TYR A 199 2.41 -7.92 -27.45
C TYR A 199 1.39 -8.79 -26.72
N GLU A 200 0.12 -8.65 -27.08
CA GLU A 200 -0.91 -9.47 -26.48
C GLU A 200 -0.60 -10.95 -26.68
N HIS A 201 -0.08 -11.28 -27.86
CA HIS A 201 0.30 -12.65 -28.19
C HIS A 201 1.38 -13.11 -27.24
N SER A 202 2.40 -12.29 -27.10
CA SER A 202 3.51 -12.57 -26.19
C SER A 202 3.03 -12.81 -24.77
N GLU A 203 2.07 -12.01 -24.33
CA GLU A 203 1.52 -12.14 -22.98
C GLU A 203 0.72 -13.43 -22.81
N CYS A 204 -0.02 -13.81 -23.84
CA CYS A 204 -0.84 -15.01 -23.78
C CYS A 204 0.00 -16.27 -23.89
N LEU A 205 1.14 -16.18 -24.59
CA LEU A 205 2.06 -17.31 -24.67
C LEU A 205 2.66 -17.59 -23.29
N MET A 206 3.03 -16.53 -22.59
CA MET A 206 3.61 -16.67 -21.25
C MET A 206 2.55 -17.06 -20.23
N TYR A 207 1.33 -16.57 -20.40
CA TYR A 207 0.25 -16.90 -19.47
C TYR A 207 -0.08 -18.39 -19.56
N LYS A 208 -0.10 -18.93 -20.78
CA LYS A 208 -0.35 -20.34 -20.97
C LYS A 208 0.74 -21.14 -20.29
N ASN A 209 1.99 -20.80 -20.60
CA ASN A 209 3.13 -21.49 -20.02
C ASN A 209 3.10 -21.43 -18.49
N ASP A 210 2.49 -20.39 -17.95
CA ASP A 210 2.26 -20.28 -16.50
C ASP A 210 1.34 -21.37 -16.01
N ILE A 211 0.23 -21.58 -16.72
CA ILE A 211 -0.76 -22.57 -16.30
C ILE A 211 -0.18 -23.97 -16.42
N MET A 212 0.49 -24.24 -17.54
CA MET A 212 1.16 -25.52 -17.74
C MET A 212 2.15 -25.79 -16.61
N TYR A 213 2.86 -24.75 -16.21
CA TYR A 213 3.85 -24.87 -15.14
C TYR A 213 3.19 -25.19 -13.81
N LYS A 214 2.07 -24.51 -13.54
CA LYS A 214 1.31 -24.77 -12.32
C LYS A 214 0.89 -26.24 -12.27
N ALA A 215 0.37 -26.73 -13.39
CA ALA A 215 -0.15 -28.09 -13.47
C ALA A 215 0.99 -29.11 -13.46
N ALA A 216 2.14 -28.73 -14.01
CA ALA A 216 3.27 -29.65 -14.11
C ALA A 216 3.69 -30.13 -12.72
N SER A 217 3.42 -29.32 -11.71
CA SER A 217 3.80 -29.66 -10.34
C SER A 217 5.27 -30.08 -10.30
N ASP A 218 5.56 -31.18 -9.61
CA ASP A 218 6.93 -31.68 -9.53
C ASP A 218 7.11 -32.93 -10.39
N ASN A 219 6.20 -33.12 -11.35
CA ASN A 219 6.30 -34.21 -12.31
C ASN A 219 7.39 -33.92 -13.33
N GLN A 220 8.43 -34.73 -13.32
CA GLN A 220 9.61 -34.48 -14.14
C GLN A 220 9.31 -34.40 -15.63
N ASP A 221 8.49 -35.33 -16.12
CA ASP A 221 8.17 -35.39 -17.54
C ASP A 221 7.31 -34.19 -17.94
N LYS A 222 6.29 -33.91 -17.15
CA LYS A 222 5.44 -32.75 -17.38
C LYS A 222 6.27 -31.47 -17.34
N LEU A 223 7.26 -31.42 -16.45
CA LEU A 223 8.10 -30.23 -16.32
C LEU A 223 8.98 -30.03 -17.54
N GLN A 224 9.58 -31.11 -18.03
CA GLN A 224 10.41 -31.04 -19.22
C GLN A 224 9.58 -30.58 -20.41
N ASN A 225 8.30 -30.89 -20.40
CA ASN A 225 7.38 -30.44 -21.44
C ASN A 225 7.21 -28.92 -21.40
N VAL A 226 7.04 -28.38 -20.19
CA VAL A 226 6.87 -26.95 -20.02
C VAL A 226 8.11 -26.20 -20.54
N LEU A 227 9.27 -26.80 -20.38
CA LEU A 227 10.50 -26.20 -20.89
C LEU A 227 10.50 -26.27 -22.41
N LYS A 228 10.04 -27.40 -22.94
CA LYS A 228 9.93 -27.57 -24.38
C LYS A 228 9.05 -26.46 -24.94
N HIS A 229 7.95 -26.16 -24.25
CA HIS A 229 7.04 -25.12 -24.69
C HIS A 229 7.70 -23.75 -24.54
N LEU A 230 8.47 -23.59 -23.47
CA LEU A 230 9.12 -22.31 -23.20
C LEU A 230 10.08 -21.95 -24.33
N ASN A 231 10.89 -22.92 -24.76
CA ASN A 231 11.82 -22.70 -25.86
C ASN A 231 11.08 -22.55 -27.19
N ASP A 232 9.85 -23.06 -27.24
CA ASP A 232 9.02 -22.91 -28.42
C ASP A 232 8.59 -21.46 -28.61
N ILE A 233 8.17 -20.83 -27.52
CA ILE A 233 7.59 -19.50 -27.57
C ILE A 233 8.61 -18.38 -27.40
N GLU A 234 9.83 -18.75 -26.99
CA GLU A 234 10.85 -17.75 -26.64
C GLU A 234 10.93 -16.59 -27.63
N PRO A 235 10.97 -16.90 -28.94
CA PRO A 235 11.13 -15.84 -29.94
C PRO A 235 9.95 -14.88 -30.00
N CYS A 236 8.79 -15.31 -29.51
CA CYS A 236 7.60 -14.47 -29.53
C CYS A 236 7.26 -13.96 -28.14
N VAL A 237 8.06 -14.31 -27.15
CA VAL A 237 7.89 -13.79 -25.80
C VAL A 237 8.89 -12.68 -25.54
N PHE A 238 8.36 -11.51 -25.18
CA PHE A 238 9.17 -10.31 -25.03
C PHE A 238 9.45 -10.04 -23.56
N ASP A 239 8.75 -10.76 -22.69
CA ASP A 239 8.99 -10.67 -21.26
C ASP A 239 10.18 -11.58 -20.91
N LYS A 240 11.36 -11.20 -21.39
CA LYS A 240 12.56 -12.00 -21.23
C LYS A 240 12.89 -12.25 -19.75
N PHE A 241 12.57 -11.29 -18.89
CA PHE A 241 12.78 -11.46 -17.46
C PHE A 241 11.87 -12.55 -16.93
N GLY A 242 10.60 -12.48 -17.27
CA GLY A 242 9.62 -13.45 -16.81
C GLY A 242 9.92 -14.85 -17.33
N LEU A 243 10.46 -14.91 -18.55
CA LEU A 243 10.73 -16.18 -19.19
C LEU A 243 11.98 -16.85 -18.62
N LEU A 244 13.04 -16.07 -18.45
CA LEU A 244 14.28 -16.60 -17.90
C LEU A 244 14.06 -17.06 -16.47
N GLU A 245 13.24 -16.32 -15.73
CA GLU A 245 12.94 -16.69 -14.35
C GLU A 245 12.19 -18.02 -14.31
N ARG A 246 11.28 -18.22 -15.26
CA ARG A 246 10.55 -19.47 -15.35
C ARG A 246 11.49 -20.61 -15.72
N LYS A 247 12.36 -20.35 -16.69
CA LYS A 247 13.31 -21.33 -17.17
C LYS A 247 14.21 -21.80 -16.02
N ALA A 248 14.79 -20.87 -15.29
CA ALA A 248 15.66 -21.20 -14.18
C ALA A 248 14.93 -22.07 -13.17
N THR A 249 13.69 -21.69 -12.86
CA THR A 249 12.93 -22.38 -11.83
C THR A 249 12.65 -23.83 -12.23
N ILE A 250 12.34 -24.06 -13.51
CA ILE A 250 12.06 -25.39 -14.00
C ILE A 250 13.30 -26.28 -13.89
N TYR A 251 14.44 -25.74 -14.29
CA TYR A 251 15.70 -26.45 -14.17
C TYR A 251 15.94 -26.89 -12.73
N MET A 252 15.60 -26.02 -11.78
CA MET A 252 15.80 -26.33 -10.37
C MET A 252 14.90 -27.49 -9.96
N LYS A 253 13.66 -27.48 -10.45
CA LYS A 253 12.71 -28.54 -10.14
C LYS A 253 13.05 -29.83 -10.89
N LEU A 254 13.92 -29.72 -11.89
CA LEU A 254 14.38 -30.89 -12.63
C LEU A 254 15.71 -31.40 -12.08
N GLY A 255 16.24 -30.71 -11.08
CA GLY A 255 17.51 -31.10 -10.49
C GLY A 255 18.68 -30.85 -11.41
N GLN A 256 18.45 -30.13 -12.50
CA GLN A 256 19.52 -29.74 -13.42
C GLN A 256 20.05 -28.38 -13.00
N LEU A 257 20.87 -28.38 -11.95
CA LEU A 257 21.31 -27.15 -11.31
C LEU A 257 22.38 -26.39 -12.12
N LYS A 258 23.23 -27.12 -12.82
CA LYS A 258 24.24 -26.47 -13.64
C LYS A 258 23.55 -25.57 -14.68
N ASP A 259 22.51 -26.09 -15.31
CA ASP A 259 21.75 -25.34 -16.30
C ASP A 259 21.08 -24.13 -15.66
N ALA A 260 20.43 -24.35 -14.52
CA ALA A 260 19.81 -23.26 -13.78
C ALA A 260 20.85 -22.19 -13.48
N SER A 261 22.06 -22.62 -13.10
CA SER A 261 23.14 -21.69 -12.80
C SER A 261 23.36 -20.74 -13.96
N ILE A 262 23.29 -21.27 -15.18
CA ILE A 262 23.49 -20.48 -16.38
C ILE A 262 22.40 -19.43 -16.50
N VAL A 263 21.16 -19.85 -16.26
CA VAL A 263 20.03 -18.95 -16.39
C VAL A 263 20.16 -17.80 -15.38
N TYR A 264 20.51 -18.14 -14.14
CA TYR A 264 20.66 -17.15 -13.09
C TYR A 264 21.77 -16.16 -13.42
N ARG A 265 22.88 -16.64 -13.96
CA ARG A 265 23.97 -15.77 -14.36
C ARG A 265 23.50 -14.80 -15.44
N THR A 266 22.64 -15.29 -16.32
CA THR A 266 22.08 -14.45 -17.38
C THR A 266 21.19 -13.37 -16.77
N LEU A 267 20.33 -13.79 -15.84
CA LEU A 267 19.46 -12.86 -15.14
C LEU A 267 20.26 -11.80 -14.41
N ILE A 268 21.26 -12.24 -13.65
CA ILE A 268 22.13 -11.33 -12.92
C ILE A 268 22.73 -10.31 -13.88
N LYS A 269 23.20 -10.79 -15.03
CA LYS A 269 23.81 -9.92 -16.01
C LYS A 269 22.81 -8.88 -16.52
N ARG A 270 21.54 -9.28 -16.62
CA ARG A 270 20.48 -8.37 -17.06
C ARG A 270 20.18 -7.33 -15.98
N ASN A 271 20.22 -7.77 -14.72
CA ASN A 271 20.01 -6.86 -13.60
C ASN A 271 20.89 -7.26 -12.43
N PRO A 272 22.15 -6.80 -12.42
CA PRO A 272 23.13 -7.12 -11.37
C PRO A 272 22.87 -6.39 -10.06
N ASP A 273 21.75 -5.68 -9.97
CA ASP A 273 21.41 -4.99 -8.73
C ASP A 273 20.24 -5.66 -8.03
N ASN A 274 19.91 -6.87 -8.48
CA ASN A 274 18.84 -7.65 -7.86
C ASN A 274 19.44 -8.76 -6.97
N PHE A 275 19.38 -8.56 -5.67
CA PHE A 275 19.94 -9.52 -4.71
C PHE A 275 19.37 -10.93 -4.89
N LYS A 276 18.10 -11.02 -5.26
CA LYS A 276 17.42 -12.30 -5.34
C LYS A 276 18.15 -13.26 -6.29
N TYR A 277 18.55 -12.76 -7.44
CA TYR A 277 19.21 -13.57 -8.45
C TYR A 277 20.48 -14.22 -7.91
N TYR A 278 21.24 -13.46 -7.12
CA TYR A 278 22.47 -13.97 -6.53
C TYR A 278 22.18 -15.11 -5.55
N LYS A 279 21.38 -14.81 -4.54
CA LYS A 279 21.05 -15.80 -3.51
C LYS A 279 20.58 -17.11 -4.14
N LEU A 280 19.83 -17.01 -5.23
CA LEU A 280 19.35 -18.19 -5.93
C LEU A 280 20.49 -18.88 -6.68
N LEU A 281 21.45 -18.09 -7.15
CA LEU A 281 22.62 -18.65 -7.83
C LEU A 281 23.41 -19.53 -6.86
N GLU A 282 23.61 -19.04 -5.63
CA GLU A 282 24.30 -19.79 -4.60
C GLU A 282 23.77 -21.23 -4.56
N VAL A 283 22.45 -21.36 -4.42
CA VAL A 283 21.81 -22.66 -4.33
C VAL A 283 22.11 -23.51 -5.56
N SER A 284 21.98 -22.91 -6.74
CA SER A 284 22.17 -23.66 -7.99
C SER A 284 23.59 -24.22 -8.08
N LEU A 285 24.54 -23.59 -7.38
CA LEU A 285 25.92 -24.05 -7.38
C LEU A 285 26.21 -25.00 -6.22
N GLY A 286 25.27 -25.07 -5.29
CA GLY A 286 25.40 -25.96 -4.14
C GLY A 286 26.33 -25.42 -3.08
N ILE A 287 26.74 -24.17 -3.23
CA ILE A 287 27.72 -23.58 -2.31
C ILE A 287 27.06 -22.82 -1.16
N GLN A 288 25.74 -22.87 -1.06
CA GLN A 288 25.07 -22.27 0.08
C GLN A 288 25.49 -23.01 1.33
N GLY A 289 25.88 -22.25 2.36
CA GLY A 289 26.39 -22.85 3.59
C GLY A 289 27.85 -23.21 3.49
N ASP A 290 28.52 -22.72 2.45
CA ASP A 290 29.96 -22.89 2.28
C ASP A 290 30.63 -21.54 2.07
N ASN A 291 30.96 -20.88 3.18
CA ASN A 291 31.47 -19.51 3.13
C ASN A 291 32.72 -19.36 2.29
N LYS A 292 33.60 -20.36 2.34
CA LYS A 292 34.84 -20.29 1.58
C LYS A 292 34.55 -20.12 0.09
N LEU A 293 33.58 -20.88 -0.42
CA LEU A 293 33.27 -20.87 -1.85
C LEU A 293 32.35 -19.72 -2.24
N LYS A 294 31.56 -19.23 -1.28
CA LYS A 294 30.71 -18.07 -1.52
C LYS A 294 31.59 -16.83 -1.65
N LYS A 295 32.50 -16.65 -0.69
CA LYS A 295 33.45 -15.56 -0.76
C LYS A 295 34.15 -15.60 -2.12
N ALA A 296 34.45 -16.80 -2.59
CA ALA A 296 35.06 -16.98 -3.89
C ALA A 296 34.12 -16.51 -4.99
N LEU A 297 32.87 -16.97 -4.93
CA LEU A 297 31.87 -16.62 -5.93
C LEU A 297 31.72 -15.13 -6.09
N TYR A 298 31.45 -14.44 -4.98
CA TYR A 298 31.18 -13.00 -5.03
C TYR A 298 32.42 -12.20 -5.36
N GLY A 299 33.60 -12.75 -5.05
CA GLY A 299 34.85 -12.11 -5.41
C GLY A 299 34.97 -11.99 -6.91
N LYS A 300 34.51 -13.02 -7.62
CA LYS A 300 34.56 -13.05 -9.08
C LYS A 300 33.46 -12.17 -9.67
N LEU A 301 32.28 -12.24 -9.08
CA LEU A 301 31.14 -11.45 -9.58
C LEU A 301 31.41 -9.96 -9.38
N GLU A 302 32.22 -9.63 -8.38
CA GLU A 302 32.58 -8.25 -8.12
C GLU A 302 33.42 -7.70 -9.28
N GLN A 303 34.18 -8.58 -9.92
CA GLN A 303 34.98 -8.21 -11.08
C GLN A 303 34.07 -7.84 -12.25
N PHE A 304 33.00 -8.60 -12.43
CA PHE A 304 32.05 -8.35 -13.51
C PHE A 304 31.18 -7.14 -13.22
N TYR A 305 30.80 -6.98 -11.95
CA TYR A 305 29.84 -5.95 -11.56
C TYR A 305 30.36 -5.13 -10.39
N PRO A 306 31.41 -4.34 -10.64
CA PRO A 306 32.12 -3.56 -9.61
C PRO A 306 31.30 -2.45 -8.95
N ARG A 307 30.22 -2.01 -9.57
CA ARG A 307 29.45 -0.89 -9.02
C ARG A 307 28.13 -1.34 -8.39
N CYS A 308 27.91 -2.65 -8.30
CA CYS A 308 26.67 -3.17 -7.76
C CYS A 308 26.85 -3.62 -6.31
N GLU A 309 25.75 -3.72 -5.58
CA GLU A 309 25.81 -3.99 -4.15
C GLU A 309 26.06 -5.46 -3.81
N PRO A 310 25.24 -6.37 -4.36
CA PRO A 310 25.25 -7.77 -3.91
C PRO A 310 26.66 -8.37 -3.77
N PRO A 311 27.52 -8.20 -4.79
CA PRO A 311 28.86 -8.78 -4.67
C PRO A 311 29.64 -8.23 -3.48
N LYS A 312 29.55 -6.93 -3.25
CA LYS A 312 30.23 -6.29 -2.14
C LYS A 312 29.58 -6.64 -0.81
N PHE A 313 28.25 -6.67 -0.81
CA PHE A 313 27.49 -6.68 0.43
C PHE A 313 27.21 -8.09 0.99
N ILE A 314 26.88 -9.03 0.12
CA ILE A 314 26.46 -10.34 0.59
C ILE A 314 27.53 -11.01 1.46
N PRO A 315 28.81 -10.87 1.09
CA PRO A 315 29.87 -11.41 1.96
C PRO A 315 29.77 -10.87 3.39
N LEU A 316 29.19 -9.69 3.57
CA LEU A 316 29.06 -9.10 4.90
C LEU A 316 28.03 -9.82 5.76
N THR A 317 27.24 -10.70 5.16
CA THR A 317 26.20 -11.40 5.90
C THR A 317 26.64 -12.79 6.37
N PHE A 318 27.78 -13.27 5.89
CA PHE A 318 28.23 -14.61 6.27
C PHE A 318 29.69 -14.71 6.72
N LEU A 319 30.57 -13.92 6.12
CA LEU A 319 31.99 -13.97 6.49
C LEU A 319 32.12 -14.04 8.01
N GLN A 320 32.70 -15.15 8.48
CA GLN A 320 32.83 -15.39 9.92
C GLN A 320 34.15 -14.84 10.47
N ASP A 321 35.16 -14.77 9.61
CA ASP A 321 36.48 -14.29 10.03
C ASP A 321 36.42 -12.81 10.40
N LYS A 322 36.78 -12.51 11.64
CA LYS A 322 36.71 -11.13 12.13
C LYS A 322 37.67 -10.21 11.38
N GLU A 323 38.72 -10.79 10.80
CA GLU A 323 39.73 -10.02 10.08
C GLU A 323 39.22 -9.64 8.70
N GLU A 324 38.86 -10.65 7.90
CA GLU A 324 38.36 -10.42 6.55
C GLU A 324 37.06 -9.61 6.61
N LEU A 325 36.23 -9.89 7.60
CA LEU A 325 34.97 -9.18 7.78
C LEU A 325 35.24 -7.70 7.99
N SER A 326 36.16 -7.37 8.89
CA SER A 326 36.51 -5.98 9.15
C SER A 326 37.02 -5.31 7.87
N LYS A 327 37.79 -6.05 7.09
CA LYS A 327 38.32 -5.54 5.83
C LYS A 327 37.19 -5.21 4.87
N LYS A 328 36.33 -6.20 4.65
CA LYS A 328 35.21 -6.06 3.73
C LYS A 328 34.24 -4.97 4.17
N LEU A 329 34.06 -4.84 5.48
CA LEU A 329 33.18 -3.81 6.02
C LEU A 329 33.72 -2.43 5.69
N ARG A 330 35.04 -2.27 5.80
CA ARG A 330 35.68 -0.99 5.51
C ARG A 330 35.53 -0.64 4.03
N GLU A 331 35.77 -1.63 3.17
CA GLU A 331 35.67 -1.43 1.73
C GLU A 331 34.26 -1.03 1.32
N TYR A 332 33.28 -1.38 2.13
CA TYR A 332 31.89 -1.09 1.80
C TYR A 332 31.45 0.28 2.32
N VAL A 333 31.85 0.60 3.55
CA VAL A 333 31.39 1.81 4.21
C VAL A 333 32.21 3.04 3.86
N LEU A 334 33.54 2.94 3.97
CA LEU A 334 34.40 4.11 3.83
C LEU A 334 34.25 4.81 2.48
N PRO A 335 34.22 4.05 1.38
CA PRO A 335 34.00 4.71 0.10
C PRO A 335 32.69 5.52 0.08
N GLN A 336 31.66 4.99 0.74
CA GLN A 336 30.38 5.68 0.80
C GLN A 336 30.47 6.95 1.64
N LEU A 337 31.25 6.90 2.72
CA LEU A 337 31.44 8.07 3.58
C LEU A 337 32.23 9.14 2.83
N GLU A 338 33.22 8.70 2.07
CA GLU A 338 34.05 9.61 1.29
C GLU A 338 33.23 10.36 0.24
N ARG A 339 32.24 9.68 -0.33
CA ARG A 339 31.40 10.27 -1.35
C ARG A 339 30.21 11.03 -0.75
N GLY A 340 30.14 11.06 0.58
CA GLY A 340 29.13 11.83 1.27
C GLY A 340 27.73 11.26 1.12
N VAL A 341 27.63 9.93 1.23
CA VAL A 341 26.36 9.24 1.06
C VAL A 341 25.57 9.19 2.36
N PRO A 342 24.42 9.87 2.41
CA PRO A 342 23.61 9.92 3.63
C PRO A 342 23.13 8.55 4.10
N ALA A 343 22.94 7.63 3.17
CA ALA A 343 22.34 6.33 3.48
C ALA A 343 23.36 5.26 3.85
N THR A 344 24.57 5.66 4.24
CA THR A 344 25.62 4.70 4.50
C THR A 344 25.29 3.77 5.67
N PHE A 345 24.78 4.33 6.76
CA PHE A 345 24.42 3.52 7.92
C PHE A 345 23.21 2.64 7.64
N SER A 346 22.21 3.22 6.97
CA SER A 346 21.00 2.48 6.64
C SER A 346 21.34 1.28 5.78
N ASN A 347 22.35 1.44 4.93
CA ASN A 347 22.79 0.36 4.07
C ASN A 347 23.29 -0.85 4.86
N VAL A 348 23.92 -0.59 6.00
CA VAL A 348 24.47 -1.67 6.83
C VAL A 348 23.61 -1.93 8.07
N LYS A 349 22.50 -1.21 8.20
CA LYS A 349 21.62 -1.37 9.35
C LYS A 349 21.11 -2.81 9.52
N PRO A 350 20.70 -3.45 8.41
CA PRO A 350 20.25 -4.83 8.57
C PRO A 350 21.34 -5.76 9.11
N LEU A 351 22.60 -5.36 9.00
CA LEU A 351 23.69 -6.12 9.61
C LEU A 351 23.72 -5.85 11.11
N TYR A 352 23.52 -4.59 11.49
CA TYR A 352 23.39 -4.22 12.90
C TYR A 352 22.24 -4.97 13.55
N GLN A 353 21.27 -5.40 12.73
CA GLN A 353 20.08 -6.05 13.23
C GLN A 353 20.24 -7.56 13.34
N ARG A 354 20.87 -8.17 12.34
CA ARG A 354 21.00 -9.63 12.29
C ARG A 354 22.36 -10.10 12.82
N ARG A 355 23.34 -9.20 12.88
CA ARG A 355 24.67 -9.55 13.37
C ARG A 355 25.19 -8.47 14.32
N LYS A 356 24.31 -8.01 15.19
CA LYS A 356 24.61 -6.87 16.07
C LYS A 356 25.96 -6.99 16.77
N SER A 357 26.17 -8.09 17.48
CA SER A 357 27.35 -8.23 18.35
C SER A 357 28.64 -8.43 17.57
N LYS A 358 28.55 -9.01 16.38
CA LYS A 358 29.73 -9.28 15.57
C LYS A 358 30.14 -8.07 14.73
N VAL A 359 29.16 -7.34 14.21
CA VAL A 359 29.42 -6.29 13.24
C VAL A 359 29.63 -4.91 13.86
N SER A 360 28.78 -4.54 14.82
CA SER A 360 28.79 -3.16 15.32
C SER A 360 30.12 -2.72 15.96
N PRO A 361 30.84 -3.63 16.64
CA PRO A 361 32.11 -3.13 17.19
C PRO A 361 33.15 -2.93 16.09
N LEU A 362 33.13 -3.80 15.09
CA LEU A 362 34.04 -3.69 13.96
C LEU A 362 33.82 -2.38 13.22
N LEU A 363 32.55 -2.03 13.02
CA LEU A 363 32.21 -0.80 12.31
C LEU A 363 32.48 0.43 13.19
N GLU A 364 32.27 0.29 14.49
CA GLU A 364 32.55 1.39 15.41
C GLU A 364 34.02 1.76 15.35
N LYS A 365 34.89 0.76 15.39
CA LYS A 365 36.34 1.00 15.31
C LYS A 365 36.72 1.50 13.93
N ILE A 366 36.22 0.82 12.90
CA ILE A 366 36.49 1.20 11.52
C ILE A 366 36.20 2.68 11.29
N VAL A 367 34.99 3.10 11.64
CA VAL A 367 34.55 4.46 11.36
C VAL A 367 35.22 5.47 12.30
N LEU A 368 35.33 5.12 13.57
CA LEU A 368 36.02 5.98 14.54
C LEU A 368 37.46 6.21 14.09
N ASP A 369 38.10 5.16 13.59
CA ASP A 369 39.44 5.28 13.03
C ASP A 369 39.43 6.26 11.87
N TYR A 370 38.54 6.01 10.91
CA TYR A 370 38.44 6.84 9.72
C TYR A 370 38.31 8.32 10.10
N LEU A 371 37.39 8.61 11.02
CA LEU A 371 37.16 9.99 11.43
C LEU A 371 38.44 10.66 11.92
N SER A 372 39.27 9.90 12.63
CA SER A 372 40.45 10.46 13.29
C SER A 372 41.50 10.97 12.28
N GLY A 373 41.48 10.42 11.07
CA GLY A 373 42.43 10.82 10.05
C GLY A 373 41.87 11.86 9.09
N LEU A 374 40.70 12.38 9.41
CA LEU A 374 40.05 13.39 8.56
C LEU A 374 40.31 14.80 9.08
N ASP A 375 40.57 15.72 8.17
CA ASP A 375 40.73 17.13 8.51
C ASP A 375 39.45 17.88 8.16
N PRO A 376 38.83 18.53 9.16
CA PRO A 376 37.57 19.25 8.95
C PRO A 376 37.62 20.27 7.80
N THR A 377 38.79 20.84 7.56
CA THR A 377 38.92 21.90 6.57
C THR A 377 39.24 21.36 5.17
N GLN A 378 40.09 20.35 5.11
CA GLN A 378 40.52 19.80 3.83
C GLN A 378 39.56 18.73 3.34
N ASP A 379 38.93 18.02 4.27
CA ASP A 379 38.03 16.92 3.94
C ASP A 379 36.65 17.15 4.55
N PRO A 380 35.97 18.22 4.12
CA PRO A 380 34.70 18.62 4.73
C PRO A 380 33.54 17.63 4.50
N ILE A 381 33.46 17.05 3.30
CA ILE A 381 32.35 16.15 3.00
C ILE A 381 32.46 14.86 3.82
N PRO A 382 33.57 14.12 3.67
CA PRO A 382 33.70 12.89 4.48
C PRO A 382 33.55 13.16 5.97
N PHE A 383 34.14 14.26 6.44
CA PHE A 383 34.09 14.62 7.85
C PHE A 383 32.67 14.65 8.39
N ILE A 384 31.86 15.57 7.87
CA ILE A 384 30.51 15.77 8.39
C ILE A 384 29.65 14.52 8.23
N TRP A 385 29.83 13.81 7.12
CA TRP A 385 29.00 12.63 6.86
C TRP A 385 29.48 11.42 7.67
N THR A 386 30.74 11.45 8.10
CA THR A 386 31.25 10.41 8.99
C THR A 386 30.65 10.60 10.39
N ASN A 387 30.61 11.86 10.84
CA ASN A 387 29.94 12.19 12.08
C ASN A 387 28.47 11.79 12.02
N TYR A 388 27.84 12.09 10.88
CA TYR A 388 26.45 11.73 10.65
C TYR A 388 26.26 10.24 10.87
N TYR A 389 27.09 9.44 10.22
CA TYR A 389 27.04 7.99 10.37
C TYR A 389 27.10 7.60 11.84
N LEU A 390 28.11 8.12 12.55
CA LEU A 390 28.34 7.76 13.94
C LEU A 390 27.18 8.15 14.83
N SER A 391 26.51 9.25 14.51
CA SER A 391 25.35 9.67 15.27
C SER A 391 24.26 8.61 15.21
N GLN A 392 24.04 8.08 14.00
CA GLN A 392 23.06 7.03 13.80
C GLN A 392 23.53 5.75 14.47
N HIS A 393 24.83 5.49 14.39
CA HIS A 393 25.42 4.31 14.99
C HIS A 393 25.06 4.21 16.48
N PHE A 394 25.33 5.28 17.21
CA PHE A 394 25.08 5.29 18.65
C PHE A 394 23.60 5.45 18.98
N LEU A 395 22.85 6.12 18.10
CA LEU A 395 21.41 6.19 18.25
C LEU A 395 20.81 4.79 18.20
N PHE A 396 21.28 4.00 17.25
CA PHE A 396 20.82 2.61 17.10
C PHE A 396 21.16 1.80 18.36
N LEU A 397 22.34 2.05 18.92
CA LEU A 397 22.76 1.34 20.13
C LEU A 397 22.16 1.96 21.38
N LYS A 398 21.25 2.91 21.20
CA LYS A 398 20.56 3.53 22.32
C LYS A 398 21.53 4.27 23.25
N ASP A 399 22.62 4.79 22.69
CA ASP A 399 23.53 5.67 23.41
C ASP A 399 23.28 7.09 22.92
N PHE A 400 22.28 7.74 23.50
CA PHE A 400 21.78 9.00 22.99
C PHE A 400 22.75 10.16 23.17
N PRO A 401 23.42 10.23 24.33
CA PRO A 401 24.42 11.28 24.52
C PRO A 401 25.42 11.35 23.37
N LYS A 402 26.02 10.21 23.04
CA LYS A 402 26.99 10.16 21.95
C LYS A 402 26.32 10.52 20.62
N ALA A 403 25.12 9.98 20.41
CA ALA A 403 24.37 10.30 19.20
C ALA A 403 24.18 11.81 19.06
N GLN A 404 23.87 12.47 20.18
CA GLN A 404 23.68 13.91 20.17
C GLN A 404 24.98 14.62 19.83
N GLU A 405 26.08 14.15 20.43
CA GLU A 405 27.37 14.80 20.29
C GLU A 405 27.89 14.75 18.85
N TYR A 406 27.70 13.62 18.19
CA TYR A 406 28.23 13.43 16.85
C TYR A 406 27.41 14.18 15.80
N ILE A 407 26.10 14.27 15.99
CA ILE A 407 25.28 15.06 15.07
C ILE A 407 25.48 16.54 15.34
N ASP A 408 25.67 16.90 16.61
CA ASP A 408 25.98 18.27 16.98
C ASP A 408 27.23 18.74 16.24
N ALA A 409 28.23 17.86 16.17
CA ALA A 409 29.49 18.19 15.52
C ALA A 409 29.28 18.42 14.03
N ALA A 410 28.43 17.60 13.42
CA ALA A 410 28.15 17.73 11.99
C ALA A 410 27.49 19.07 11.69
N LEU A 411 26.51 19.43 12.52
CA LEU A 411 25.80 20.70 12.35
C LEU A 411 26.73 21.89 12.60
N ASP A 412 27.64 21.75 13.57
CA ASP A 412 28.63 22.79 13.85
C ASP A 412 29.40 23.12 12.57
N HIS A 413 29.87 22.08 11.89
CA HIS A 413 30.64 22.25 10.67
C HIS A 413 29.78 22.79 9.54
N THR A 414 28.69 22.09 9.23
CA THR A 414 27.80 22.49 8.13
C THR A 414 26.34 22.37 8.55
N PRO A 415 25.72 23.52 8.86
CA PRO A 415 24.32 23.56 9.32
C PRO A 415 23.30 23.73 8.18
N THR A 416 23.72 23.50 6.94
CA THR A 416 22.84 23.70 5.80
C THR A 416 22.33 22.40 5.19
N LEU A 417 22.51 21.29 5.88
CA LEU A 417 22.06 19.99 5.38
C LEU A 417 20.81 19.51 6.12
N VAL A 418 19.75 19.30 5.37
CA VAL A 418 18.45 18.95 5.93
C VAL A 418 18.53 17.67 6.76
N GLU A 419 19.40 16.76 6.35
CA GLU A 419 19.48 15.45 6.98
C GLU A 419 19.88 15.56 8.45
N PHE A 420 20.82 16.46 8.74
CA PHE A 420 21.32 16.62 10.10
C PHE A 420 20.20 17.00 11.07
N TYR A 421 19.23 17.76 10.57
CA TYR A 421 18.11 18.18 11.39
C TYR A 421 17.12 17.03 11.60
N ILE A 422 16.99 16.17 10.61
CA ILE A 422 16.10 15.01 10.74
C ILE A 422 16.68 14.02 11.74
N LEU A 423 17.98 13.75 11.62
CA LEU A 423 18.62 12.81 12.51
C LEU A 423 18.58 13.32 13.95
N LYS A 424 18.81 14.62 14.12
CA LYS A 424 18.74 15.24 15.44
C LYS A 424 17.32 15.13 16.00
N ALA A 425 16.33 15.53 15.20
CA ALA A 425 14.94 15.43 15.60
C ALA A 425 14.60 14.01 16.02
N ARG A 426 15.19 13.06 15.29
CA ARG A 426 14.93 11.64 15.52
C ARG A 426 15.48 11.18 16.86
N ILE A 427 16.66 11.68 17.23
CA ILE A 427 17.27 11.34 18.50
C ILE A 427 16.41 11.85 19.66
N LEU A 428 15.86 13.06 19.52
CA LEU A 428 15.02 13.62 20.56
C LEU A 428 13.68 12.91 20.66
N LYS A 429 13.19 12.40 19.53
CA LYS A 429 11.97 11.60 19.53
C LYS A 429 12.14 10.38 20.43
N HIS A 430 13.32 9.76 20.35
CA HIS A 430 13.62 8.60 21.18
C HIS A 430 13.76 9.00 22.64
N LEU A 431 14.17 10.24 22.88
CA LEU A 431 14.26 10.76 24.23
C LEU A 431 12.88 11.19 24.75
N GLY A 432 11.87 11.09 23.90
CA GLY A 432 10.50 11.37 24.30
C GLY A 432 10.12 12.83 24.18
N LEU A 433 10.86 13.58 23.38
CA LEU A 433 10.67 15.01 23.26
C LEU A 433 10.10 15.36 21.88
N MET A 434 8.84 15.03 21.67
CA MET A 434 8.19 15.27 20.38
C MET A 434 8.21 16.75 20.00
N ASP A 435 7.62 17.59 20.86
CA ASP A 435 7.53 19.02 20.61
C ASP A 435 8.86 19.63 20.13
N THR A 436 9.95 19.21 20.75
CA THR A 436 11.25 19.76 20.43
C THR A 436 11.70 19.24 19.07
N ALA A 437 11.55 17.93 18.88
CA ALA A 437 11.89 17.30 17.62
C ALA A 437 11.16 17.99 16.48
N ALA A 438 9.86 18.19 16.65
CA ALA A 438 9.06 18.88 15.65
C ALA A 438 9.69 20.23 15.32
N GLY A 439 10.10 20.96 16.36
CA GLY A 439 10.70 22.25 16.19
C GLY A 439 11.98 22.20 15.38
N ILE A 440 12.76 21.14 15.58
CA ILE A 440 14.02 20.99 14.88
C ILE A 440 13.80 20.68 13.39
N LEU A 441 12.80 19.85 13.10
CA LEU A 441 12.46 19.56 11.72
C LEU A 441 11.94 20.82 11.04
N GLU A 442 11.16 21.60 11.79
CA GLU A 442 10.65 22.86 11.30
C GLU A 442 11.81 23.78 10.91
N GLU A 443 12.88 23.72 11.69
CA GLU A 443 14.07 24.50 11.43
C GLU A 443 14.70 24.06 10.11
N GLY A 444 14.77 22.73 9.92
CA GLY A 444 15.35 22.17 8.72
C GLY A 444 14.51 22.41 7.48
N ARG A 445 13.19 22.49 7.67
CA ARG A 445 12.28 22.70 6.55
C ARG A 445 12.60 24.01 5.83
N GLN A 446 13.11 24.99 6.57
CA GLN A 446 13.42 26.30 6.01
C GLN A 446 14.55 26.23 4.98
N LEU A 447 15.37 25.18 5.08
CA LEU A 447 16.49 25.00 4.15
C LEU A 447 16.01 24.59 2.76
N ASP A 448 14.92 23.84 2.71
CA ASP A 448 14.37 23.38 1.44
C ASP A 448 12.86 23.47 1.47
N LEU A 449 12.35 24.70 1.34
CA LEU A 449 10.92 24.94 1.40
C LEU A 449 10.16 24.40 0.18
N GLN A 450 10.91 23.98 -0.84
CA GLN A 450 10.29 23.44 -2.04
C GLN A 450 10.34 21.92 -2.11
N ASP A 451 10.93 21.29 -1.09
CA ASP A 451 11.01 19.84 -1.01
C ASP A 451 9.89 19.30 -0.12
N ARG A 452 9.04 18.46 -0.69
CA ARG A 452 7.90 17.92 0.05
C ARG A 452 8.30 16.83 1.02
N PHE A 453 9.45 16.20 0.80
CA PHE A 453 9.94 15.17 1.71
C PHE A 453 10.08 15.72 3.11
N ILE A 454 10.97 16.69 3.30
CA ILE A 454 11.18 17.29 4.61
C ILE A 454 9.87 17.90 5.14
N ASN A 455 9.04 18.40 4.23
CA ASN A 455 7.73 18.91 4.62
C ASN A 455 6.90 17.82 5.30
N CYS A 456 6.82 16.66 4.67
CA CYS A 456 6.05 15.53 5.21
C CYS A 456 6.61 15.07 6.55
N LYS A 457 7.93 15.02 6.65
CA LYS A 457 8.57 14.65 7.91
C LYS A 457 8.12 15.61 9.00
N THR A 458 8.07 16.89 8.67
CA THR A 458 7.71 17.93 9.62
C THR A 458 6.25 17.76 10.05
N VAL A 459 5.38 17.53 9.07
CA VAL A 459 3.97 17.34 9.36
C VAL A 459 3.80 16.20 10.35
N LYS A 460 4.48 15.09 10.10
CA LYS A 460 4.37 13.92 10.95
C LYS A 460 4.76 14.24 12.38
N TYR A 461 5.90 14.90 12.56
CA TYR A 461 6.40 15.21 13.89
C TYR A 461 5.47 16.13 14.67
N PHE A 462 4.95 17.17 14.01
CA PHE A 462 3.98 18.05 14.66
C PHE A 462 2.75 17.26 15.09
N LEU A 463 2.40 16.22 14.34
CA LEU A 463 1.27 15.38 14.69
C LEU A 463 1.60 14.50 15.89
N ARG A 464 2.84 14.01 15.94
CA ARG A 464 3.29 13.24 17.09
C ARG A 464 3.32 14.11 18.34
N ALA A 465 3.43 15.43 18.14
CA ALA A 465 3.42 16.38 19.23
C ALA A 465 2.01 16.86 19.53
N ASN A 466 1.03 16.30 18.83
CA ASN A 466 -0.37 16.67 19.00
C ASN A 466 -0.64 18.12 18.61
N ASN A 467 0.23 18.69 17.79
CA ASN A 467 0.04 20.03 17.28
C ASN A 467 -0.54 19.94 15.88
N ILE A 468 -1.84 19.66 15.82
CA ILE A 468 -2.52 19.37 14.55
C ILE A 468 -2.58 20.57 13.62
N ASP A 469 -2.93 21.74 14.15
CA ASP A 469 -3.10 22.92 13.31
C ASP A 469 -1.81 23.28 12.58
N LYS A 470 -0.68 23.22 13.28
CA LYS A 470 0.61 23.49 12.67
C LYS A 470 0.88 22.45 11.58
N ALA A 471 0.62 21.19 11.92
CA ALA A 471 0.79 20.11 10.96
C ALA A 471 -0.03 20.36 9.70
N VAL A 472 -1.30 20.70 9.88
CA VAL A 472 -2.18 20.94 8.76
C VAL A 472 -1.73 22.12 7.91
N GLU A 473 -1.24 23.17 8.57
CA GLU A 473 -0.80 24.36 7.85
C GLU A 473 0.46 24.08 7.04
N VAL A 474 1.36 23.28 7.61
CA VAL A 474 2.59 22.90 6.90
C VAL A 474 2.25 22.04 5.69
N ALA A 475 1.43 21.02 5.90
CA ALA A 475 1.02 20.12 4.83
C ALA A 475 0.32 20.88 3.71
N SER A 476 -0.40 21.93 4.07
CA SER A 476 -1.20 22.69 3.11
C SER A 476 -0.34 23.51 2.14
N LEU A 477 0.97 23.54 2.38
CA LEU A 477 1.87 24.22 1.45
C LEU A 477 2.01 23.44 0.15
N PHE A 478 1.73 22.14 0.22
CA PHE A 478 1.93 21.25 -0.93
C PHE A 478 0.64 20.62 -1.46
N THR A 479 -0.48 20.84 -0.78
CA THR A 479 -1.75 20.29 -1.23
C THR A 479 -2.42 21.25 -2.22
N LYS A 480 -3.31 20.70 -3.04
CA LYS A 480 -4.06 21.50 -3.99
C LYS A 480 -5.36 22.00 -3.35
N ASN A 481 -5.28 23.11 -2.64
CA ASN A 481 -6.46 23.72 -2.06
C ASN A 481 -7.13 24.62 -3.08
N ASP A 482 -8.40 24.39 -3.34
CA ASP A 482 -9.14 25.18 -4.32
C ASP A 482 -10.26 25.99 -3.66
N ASP A 483 -11.30 25.30 -3.23
CA ASP A 483 -12.43 25.95 -2.57
C ASP A 483 -12.37 25.73 -1.06
N SER A 484 -11.19 25.36 -0.57
CA SER A 484 -11.02 25.03 0.84
C SER A 484 -10.01 25.96 1.50
N VAL A 485 -9.95 25.90 2.84
CA VAL A 485 -9.03 26.73 3.61
C VAL A 485 -7.70 26.01 3.84
N ASN A 486 -7.73 24.68 3.75
CA ASN A 486 -6.53 23.87 3.93
C ASN A 486 -6.57 22.62 3.07
N GLY A 487 -5.56 21.77 3.22
CA GLY A 487 -5.41 20.61 2.36
C GLY A 487 -6.01 19.32 2.90
N ILE A 488 -6.78 19.42 3.97
CA ILE A 488 -7.39 18.24 4.57
C ILE A 488 -8.22 17.46 3.56
N LYS A 489 -9.00 18.17 2.74
CA LYS A 489 -9.85 17.52 1.76
C LYS A 489 -9.04 16.84 0.66
N ASP A 490 -8.07 17.55 0.10
CA ASP A 490 -7.23 17.00 -0.95
C ASP A 490 -6.46 15.79 -0.43
N LEU A 491 -6.06 15.83 0.84
CA LEU A 491 -5.34 14.72 1.43
C LEU A 491 -6.22 13.47 1.52
N HIS A 492 -7.52 13.67 1.74
CA HIS A 492 -8.47 12.57 1.68
C HIS A 492 -8.70 12.18 0.23
N LEU A 493 -8.70 13.18 -0.64
CA LEU A 493 -8.96 12.99 -2.06
C LEU A 493 -7.89 12.09 -2.69
N VAL A 494 -6.64 12.30 -2.30
CA VAL A 494 -5.53 11.59 -2.90
C VAL A 494 -5.10 10.40 -2.05
N GLU A 495 -5.97 9.96 -1.15
CA GLU A 495 -5.77 8.70 -0.43
C GLU A 495 -4.48 8.69 0.38
N ALA A 496 -4.13 9.83 0.97
CA ALA A 496 -2.91 9.93 1.76
C ALA A 496 -3.09 9.34 3.16
N SER A 497 -2.92 8.02 3.26
CA SER A 497 -3.11 7.33 4.53
C SER A 497 -2.04 7.70 5.55
N TRP A 498 -0.83 7.98 5.08
CA TRP A 498 0.25 8.34 5.98
C TRP A 498 -0.17 9.50 6.87
N PHE A 499 -0.87 10.46 6.29
CA PHE A 499 -1.32 11.63 7.03
C PHE A 499 -2.54 11.31 7.89
N ILE A 500 -3.59 10.78 7.27
CA ILE A 500 -4.86 10.56 7.96
C ILE A 500 -4.71 9.70 9.21
N VAL A 501 -3.95 8.61 9.10
CA VAL A 501 -3.76 7.71 10.23
C VAL A 501 -3.01 8.41 11.35
N GLU A 502 -1.87 9.01 11.00
CA GLU A 502 -1.07 9.76 11.97
C GLU A 502 -1.90 10.84 12.66
N GLN A 503 -2.73 11.53 11.90
CA GLN A 503 -3.56 12.60 12.46
C GLN A 503 -4.66 12.02 13.34
N ALA A 504 -5.13 10.83 13.01
CA ALA A 504 -6.16 10.17 13.80
C ALA A 504 -5.60 9.79 15.15
N GLU A 505 -4.36 9.31 15.16
CA GLU A 505 -3.69 8.90 16.37
C GLU A 505 -3.35 10.12 17.23
N ALA A 506 -3.21 11.27 16.57
CA ALA A 506 -3.02 12.53 17.28
C ALA A 506 -4.32 12.95 17.95
N TYR A 507 -5.40 13.01 17.17
CA TYR A 507 -6.71 13.36 17.69
C TYR A 507 -7.08 12.50 18.89
N TYR A 508 -6.70 11.24 18.86
CA TYR A 508 -7.00 10.33 19.96
C TYR A 508 -6.24 10.76 21.22
N ARG A 509 -4.97 11.12 21.06
CA ARG A 509 -4.16 11.56 22.18
C ARG A 509 -4.69 12.89 22.73
N LEU A 510 -5.06 13.81 21.84
CA LEU A 510 -5.66 15.07 22.27
C LEU A 510 -6.95 14.80 23.02
N TYR A 511 -7.66 13.76 22.60
CA TYR A 511 -8.92 13.37 23.24
C TYR A 511 -8.68 12.86 24.65
N LEU A 512 -7.59 12.12 24.85
CA LEU A 512 -7.23 11.62 26.17
C LEU A 512 -6.73 12.76 27.06
N ASP A 513 -5.95 13.67 26.49
CA ASP A 513 -5.44 14.82 27.22
C ASP A 513 -6.59 15.68 27.73
N ARG A 514 -7.39 16.18 26.80
CA ARG A 514 -8.51 17.05 27.15
C ARG A 514 -9.46 16.35 28.12
N LYS A 515 -9.56 15.04 28.03
CA LYS A 515 -10.38 14.26 28.96
C LYS A 515 -9.79 14.34 30.36
N LYS A 516 -8.47 14.39 30.44
CA LYS A 516 -7.79 14.52 31.72
C LYS A 516 -8.10 15.88 32.34
N LYS A 517 -7.88 16.94 31.57
CA LYS A 517 -8.18 18.29 32.04
C LYS A 517 -9.65 18.41 32.45
N LEU A 518 -10.51 17.65 31.79
CA LEU A 518 -11.94 17.67 32.10
C LEU A 518 -12.21 16.91 33.38
N ASP A 519 -11.36 15.92 33.68
CA ASP A 519 -11.46 15.17 34.92
C ASP A 519 -10.71 15.89 36.03
N ASP A 520 -9.80 16.77 35.64
CA ASP A 520 -9.02 17.55 36.59
C ASP A 520 -9.79 18.77 37.07
N LEU A 521 -11.05 18.89 36.64
CA LEU A 521 -11.90 19.97 37.10
C LEU A 521 -12.74 19.54 38.30
N ALA A 522 -12.43 20.12 39.46
CA ALA A 522 -13.15 19.82 40.69
C ALA A 522 -13.24 21.06 41.57
N SER A 533 -15.68 31.08 39.88
CA SER A 533 -16.99 30.59 40.31
C SER A 533 -17.75 30.01 39.12
N GLU A 534 -17.92 30.81 38.08
CA GLU A 534 -18.57 30.36 36.85
C GLU A 534 -17.55 30.18 35.73
N GLN A 535 -16.32 30.60 35.99
CA GLN A 535 -15.23 30.43 35.03
C GLN A 535 -14.96 28.94 34.83
N ILE A 536 -15.00 28.18 35.91
CA ILE A 536 -14.81 26.74 35.85
C ILE A 536 -15.93 26.10 35.03
N ALA A 537 -17.14 26.65 35.14
CA ALA A 537 -18.29 26.12 34.41
C ALA A 537 -18.14 26.35 32.91
N ASN A 538 -17.76 27.57 32.53
CA ASN A 538 -17.54 27.90 31.13
C ASN A 538 -16.41 27.07 30.54
N ASP A 539 -15.33 26.94 31.30
CA ASP A 539 -14.20 26.11 30.89
C ASP A 539 -14.64 24.66 30.78
N ILE A 540 -15.53 24.25 31.67
CA ILE A 540 -16.04 22.88 31.66
C ILE A 540 -16.75 22.56 30.35
N LYS A 541 -17.56 23.51 29.88
CA LYS A 541 -18.32 23.32 28.64
C LYS A 541 -17.40 23.30 27.42
N GLU A 542 -16.28 24.01 27.51
CA GLU A 542 -15.34 24.10 26.39
C GLU A 542 -14.55 22.82 26.21
N ASN A 543 -14.16 22.19 27.31
CA ASN A 543 -13.41 20.94 27.25
C ASN A 543 -14.32 19.77 26.86
N GLN A 544 -15.54 19.78 27.36
CA GLN A 544 -16.53 18.78 26.98
C GLN A 544 -16.62 18.75 25.45
N TRP A 545 -16.72 19.93 24.85
CA TRP A 545 -16.78 20.04 23.40
C TRP A 545 -15.54 19.46 22.73
N LEU A 546 -14.36 19.88 23.20
CA LEU A 546 -13.11 19.42 22.59
C LEU A 546 -12.94 17.91 22.69
N VAL A 547 -13.27 17.35 23.85
CA VAL A 547 -13.19 15.90 24.04
C VAL A 547 -14.11 15.21 23.05
N ARG A 548 -15.31 15.76 22.90
CA ARG A 548 -16.27 15.24 21.93
C ARG A 548 -15.71 15.39 20.52
N LYS A 549 -15.19 16.57 20.23
CA LYS A 549 -14.62 16.88 18.92
C LYS A 549 -13.50 15.91 18.54
N TYR A 550 -12.61 15.66 19.48
CA TYR A 550 -11.42 14.84 19.21
C TYR A 550 -11.73 13.35 19.16
N LYS A 551 -12.63 12.89 20.01
CA LYS A 551 -13.06 11.50 19.98
C LYS A 551 -13.71 11.24 18.63
N GLY A 552 -14.49 12.22 18.16
CA GLY A 552 -15.21 12.08 16.91
C GLY A 552 -14.31 12.10 15.69
N LEU A 553 -13.34 13.02 15.69
CA LEU A 553 -12.43 13.14 14.56
C LEU A 553 -11.41 12.02 14.53
N ALA A 554 -11.04 11.52 15.71
CA ALA A 554 -10.12 10.40 15.79
C ALA A 554 -10.75 9.18 15.11
N LEU A 555 -12.02 8.94 15.43
CA LEU A 555 -12.72 7.79 14.88
C LEU A 555 -13.07 7.99 13.41
N LYS A 556 -13.40 9.23 13.05
CA LYS A 556 -13.75 9.55 11.67
C LYS A 556 -12.54 9.44 10.76
N ARG A 557 -11.38 9.80 11.26
CA ARG A 557 -10.14 9.73 10.48
C ARG A 557 -9.72 8.27 10.28
N PHE A 558 -9.82 7.47 11.34
CA PHE A 558 -9.53 6.05 11.23
C PHE A 558 -10.46 5.42 10.22
N ASN A 559 -11.71 5.89 10.19
CA ASN A 559 -12.71 5.36 9.28
C ASN A 559 -12.46 5.74 7.82
N ALA A 560 -11.58 6.70 7.58
CA ALA A 560 -11.25 7.10 6.22
C ALA A 560 -10.44 6.02 5.53
N ILE A 561 -9.68 5.26 6.31
CA ILE A 561 -8.80 4.25 5.75
C ILE A 561 -9.61 3.11 5.10
N PRO A 562 -10.54 2.50 5.86
CA PRO A 562 -11.33 1.44 5.22
C PRO A 562 -12.12 1.94 4.01
N LYS A 563 -12.40 3.24 3.94
CA LYS A 563 -13.05 3.79 2.75
C LYS A 563 -12.08 3.81 1.58
N PHE A 564 -10.83 4.18 1.85
CA PHE A 564 -9.80 4.16 0.82
C PHE A 564 -9.67 2.77 0.26
N TYR A 565 -9.60 1.78 1.15
CA TYR A 565 -9.31 0.41 0.76
C TYR A 565 -10.51 -0.30 0.15
N LYS A 566 -11.72 0.11 0.54
CA LYS A 566 -12.92 -0.37 -0.13
C LYS A 566 -12.96 0.19 -1.54
N GLN A 567 -12.33 1.34 -1.74
CA GLN A 567 -12.25 1.95 -3.06
C GLN A 567 -11.21 1.22 -3.91
N PHE A 568 -10.09 0.84 -3.29
CA PHE A 568 -9.09 0.03 -3.96
C PHE A 568 -9.74 -1.23 -4.50
N GLU A 569 -10.57 -1.85 -3.67
CA GLU A 569 -11.28 -3.06 -4.07
C GLU A 569 -12.17 -2.78 -5.27
N ASP A 570 -12.88 -1.66 -5.21
CA ASP A 570 -13.83 -1.31 -6.25
C ASP A 570 -13.12 -0.91 -7.55
N ASP A 571 -11.86 -0.50 -7.43
CA ASP A 571 -11.10 -0.06 -8.60
C ASP A 571 -10.75 -1.23 -9.51
N GLN A 572 -11.02 -2.44 -9.06
CA GLN A 572 -10.79 -3.63 -9.86
C GLN A 572 -11.79 -3.73 -11.01
N LEU A 573 -13.00 -3.21 -10.78
CA LEU A 573 -14.12 -3.42 -11.69
C LEU A 573 -13.76 -3.32 -13.18
N ASP A 574 -13.12 -2.22 -13.58
CA ASP A 574 -12.84 -1.98 -14.99
C ASP A 574 -11.81 -2.92 -15.59
N PHE A 575 -11.03 -3.58 -14.74
CA PHE A 575 -9.93 -4.41 -15.24
C PHE A 575 -10.37 -5.82 -15.61
N HIS A 576 -11.49 -6.26 -15.06
CA HIS A 576 -12.05 -7.55 -15.45
C HIS A 576 -12.21 -7.59 -16.97
N SER A 577 -12.41 -6.42 -17.56
CA SER A 577 -12.51 -6.29 -19.01
C SER A 577 -11.23 -5.74 -19.62
N TYR A 578 -10.74 -4.65 -19.06
CA TYR A 578 -9.61 -3.94 -19.64
C TYR A 578 -8.36 -4.80 -19.78
N CYS A 579 -8.09 -5.64 -18.78
CA CYS A 579 -6.91 -6.51 -18.82
C CYS A 579 -7.04 -7.54 -19.93
N MET A 580 -8.25 -8.03 -20.16
CA MET A 580 -8.50 -9.00 -21.20
C MET A 580 -8.27 -8.39 -22.58
N ARG A 581 -8.67 -7.13 -22.74
CA ARG A 581 -8.55 -6.46 -24.04
C ARG A 581 -7.13 -5.96 -24.26
N LYS A 582 -6.47 -5.52 -23.21
CA LYS A 582 -5.10 -5.06 -23.32
C LYS A 582 -4.16 -6.26 -23.49
N GLY A 583 -4.56 -7.40 -22.93
CA GLY A 583 -3.79 -8.62 -23.08
C GLY A 583 -2.76 -8.82 -21.99
N THR A 584 -3.19 -8.67 -20.74
CA THR A 584 -2.30 -8.84 -19.60
C THR A 584 -2.93 -9.74 -18.53
N PRO A 585 -3.26 -10.98 -18.91
CA PRO A 585 -3.91 -11.93 -18.00
C PRO A 585 -3.07 -12.26 -16.76
N ARG A 586 -1.76 -12.39 -16.92
CA ARG A 586 -0.89 -12.68 -15.77
C ARG A 586 -1.02 -11.58 -14.73
N ALA A 587 -0.78 -10.34 -15.15
CA ALA A 587 -0.83 -9.20 -14.24
C ALA A 587 -2.22 -9.08 -13.61
N TYR A 588 -3.25 -9.44 -14.39
CA TYR A 588 -4.62 -9.37 -13.91
C TYR A 588 -4.86 -10.34 -12.76
N LEU A 589 -4.34 -11.56 -12.88
CA LEU A 589 -4.50 -12.55 -11.82
C LEU A 589 -3.83 -12.07 -10.55
N GLU A 590 -2.65 -11.48 -10.71
CA GLU A 590 -1.94 -10.89 -9.58
C GLU A 590 -2.80 -9.80 -8.94
N MET A 591 -3.56 -9.08 -9.76
CA MET A 591 -4.45 -8.04 -9.24
C MET A 591 -5.48 -8.67 -8.30
N LEU A 592 -6.09 -9.76 -8.75
CA LEU A 592 -7.07 -10.46 -7.94
C LEU A 592 -6.46 -10.90 -6.61
N GLU A 593 -5.23 -11.39 -6.67
CA GLU A 593 -4.51 -11.76 -5.45
C GLU A 593 -4.33 -10.52 -4.57
N TRP A 594 -3.99 -9.41 -5.20
CA TRP A 594 -3.79 -8.15 -4.50
C TRP A 594 -5.08 -7.69 -3.84
N GLY A 595 -6.20 -7.81 -4.56
CA GLY A 595 -7.49 -7.38 -4.05
C GLY A 595 -7.96 -8.19 -2.87
N LYS A 596 -7.56 -9.45 -2.81
CA LYS A 596 -7.99 -10.34 -1.75
C LYS A 596 -7.09 -10.23 -0.52
N ALA A 597 -6.11 -9.33 -0.59
CA ALA A 597 -5.22 -9.10 0.54
C ALA A 597 -5.28 -7.65 1.00
N LEU A 598 -6.19 -6.87 0.41
CA LEU A 598 -6.27 -5.45 0.70
C LEU A 598 -6.43 -5.18 2.19
N TYR A 599 -7.35 -5.90 2.83
CA TYR A 599 -7.67 -5.64 4.23
C TYR A 599 -6.71 -6.34 5.19
N THR A 600 -5.52 -6.66 4.70
CA THR A 600 -4.44 -7.15 5.56
C THR A 600 -3.25 -6.20 5.53
N LYS A 601 -3.36 -5.13 4.74
CA LYS A 601 -2.25 -4.22 4.55
C LYS A 601 -1.99 -3.38 5.80
N PRO A 602 -0.71 -3.03 6.03
CA PRO A 602 -0.23 -2.36 7.25
C PRO A 602 -1.09 -1.17 7.69
N MET A 603 -1.27 -0.18 6.84
CA MET A 603 -2.01 1.01 7.21
C MET A 603 -3.46 0.67 7.57
N TYR A 604 -4.01 -0.34 6.90
CA TYR A 604 -5.37 -0.76 7.17
C TYR A 604 -5.44 -1.42 8.54
N VAL A 605 -4.55 -2.38 8.78
CA VAL A 605 -4.50 -3.08 10.06
C VAL A 605 -4.24 -2.08 11.18
N ARG A 606 -3.39 -1.10 10.90
CA ARG A 606 -3.07 -0.05 11.86
C ARG A 606 -4.32 0.71 12.24
N ALA A 607 -5.03 1.23 11.24
CA ALA A 607 -6.28 1.94 11.47
C ALA A 607 -7.24 1.09 12.29
N MET A 608 -7.44 -0.15 11.87
CA MET A 608 -8.35 -1.07 12.54
C MET A 608 -7.96 -1.26 14.00
N LYS A 609 -6.72 -1.65 14.23
CA LYS A 609 -6.22 -1.94 15.57
C LYS A 609 -6.36 -0.71 16.47
N GLU A 610 -5.99 0.46 15.95
CA GLU A 610 -6.04 1.69 16.73
C GLU A 610 -7.47 2.13 17.00
N ALA A 611 -8.37 1.86 16.05
CA ALA A 611 -9.76 2.25 16.18
C ALA A 611 -10.48 1.32 17.15
N SER A 612 -9.91 0.14 17.39
CA SER A 612 -10.52 -0.81 18.31
C SER A 612 -10.52 -0.25 19.73
N LYS A 613 -9.51 0.56 20.04
CA LYS A 613 -9.41 1.18 21.34
C LYS A 613 -10.65 2.03 21.59
N LEU A 614 -11.10 2.74 20.56
CA LEU A 614 -12.25 3.61 20.66
C LEU A 614 -13.55 2.81 20.73
N TYR A 615 -13.73 1.90 19.78
CA TYR A 615 -14.95 1.08 19.74
C TYR A 615 -15.09 0.26 21.02
N PHE A 616 -14.02 -0.43 21.42
CA PHE A 616 -14.04 -1.22 22.64
C PHE A 616 -14.45 -0.37 23.84
N GLN A 617 -13.85 0.81 23.96
CA GLN A 617 -14.15 1.71 25.06
C GLN A 617 -15.61 2.13 25.03
N MET A 618 -16.05 2.61 23.86
CA MET A 618 -17.44 3.05 23.69
C MET A 618 -18.41 1.95 24.08
N HIS A 619 -17.99 0.70 23.95
CA HIS A 619 -18.80 -0.43 24.39
C HIS A 619 -18.80 -0.52 25.91
N ASP A 620 -17.61 -0.64 26.49
CA ASP A 620 -17.46 -0.74 27.93
C ASP A 620 -18.14 0.41 28.66
N ASP A 621 -18.20 1.57 28.00
CA ASP A 621 -18.82 2.76 28.60
C ASP A 621 -20.34 2.73 28.44
N ARG A 622 -20.80 2.22 27.31
CA ARG A 622 -22.24 2.06 27.08
C ARG A 622 -22.79 0.99 28.01
N LEU A 623 -21.90 0.17 28.56
CA LEU A 623 -22.28 -0.93 29.43
C LEU A 623 -22.22 -0.51 30.90
N LYS A 624 -21.18 0.23 31.26
CA LYS A 624 -20.99 0.67 32.64
C LYS A 624 -21.91 1.85 32.98
N ARG A 625 -21.58 3.02 32.44
CA ARG A 625 -22.36 4.22 32.69
C ARG A 625 -23.57 4.31 31.75
N SER A 646 -32.52 33.92 34.83
CA SER A 646 -32.95 33.63 33.46
C SER A 646 -31.94 34.18 32.45
N GLN A 647 -31.67 33.40 31.42
CA GLN A 647 -30.61 33.70 30.46
C GLN A 647 -31.03 33.57 29.00
N LYS A 648 -32.33 33.54 28.72
CA LYS A 648 -32.81 33.37 27.36
C LYS A 648 -32.02 34.24 26.37
N LYS A 649 -32.08 35.55 26.57
CA LYS A 649 -31.40 36.48 25.68
C LYS A 649 -29.89 36.17 25.61
N LYS A 650 -29.22 36.27 26.75
CA LYS A 650 -27.78 36.05 26.81
C LYS A 650 -27.41 34.65 26.29
N ALA A 651 -28.26 33.68 26.56
CA ALA A 651 -28.02 32.30 26.14
C ALA A 651 -28.12 32.19 24.63
N LYS A 652 -28.97 33.03 24.04
CA LYS A 652 -29.13 33.07 22.59
C LYS A 652 -27.90 33.71 21.95
N LYS A 653 -27.23 34.58 22.70
CA LYS A 653 -26.00 35.21 22.23
C LYS A 653 -24.82 34.27 22.43
N GLU A 654 -24.89 33.44 23.46
CA GLU A 654 -23.86 32.45 23.73
C GLU A 654 -23.97 31.28 22.76
N ALA A 655 -25.18 31.00 22.32
CA ALA A 655 -25.43 29.92 21.36
C ALA A 655 -24.89 30.30 19.99
N ALA A 656 -25.24 31.51 19.54
CA ALA A 656 -24.80 31.99 18.24
C ALA A 656 -23.30 32.27 18.22
N ALA A 657 -22.68 32.25 19.40
CA ALA A 657 -21.24 32.49 19.51
C ALA A 657 -20.47 31.18 19.39
N MET A 658 -20.97 30.13 20.03
CA MET A 658 -20.33 28.83 20.01
C MET A 658 -20.66 28.10 18.71
N ASN A 659 -21.86 28.34 18.20
CA ASN A 659 -22.27 27.74 16.93
C ASN A 659 -21.68 28.50 15.75
N LYS A 660 -21.10 29.67 16.03
CA LYS A 660 -20.43 30.46 14.99
C LYS A 660 -18.97 30.05 14.88
N ARG A 661 -18.38 29.66 16.01
CA ARG A 661 -17.02 29.15 16.02
C ARG A 661 -17.00 27.73 15.47
N LYS A 662 -18.01 26.95 15.81
CA LYS A 662 -18.13 25.59 15.32
C LYS A 662 -18.20 25.59 13.80
N GLU A 663 -18.83 26.62 13.24
CA GLU A 663 -18.90 26.77 11.79
C GLU A 663 -17.50 26.99 11.23
N THR A 664 -16.73 27.85 11.88
CA THR A 664 -15.36 28.13 11.46
C THR A 664 -14.49 26.89 11.61
N GLU A 665 -14.78 26.07 12.63
CA GLU A 665 -14.01 24.86 12.89
C GLU A 665 -14.34 23.76 11.89
N ALA A 666 -15.61 23.67 11.52
CA ALA A 666 -16.06 22.66 10.57
C ALA A 666 -15.36 22.83 9.23
N LYS A 667 -15.27 24.08 8.77
CA LYS A 667 -14.62 24.37 7.50
C LYS A 667 -13.14 23.96 7.51
N SER A 668 -12.58 23.82 8.71
CA SER A 668 -11.16 23.52 8.87
C SER A 668 -10.88 22.01 8.99
N VAL A 669 -11.86 21.26 9.49
CA VAL A 669 -11.68 19.83 9.71
C VAL A 669 -12.45 18.99 8.68
N ALA A 670 -13.21 19.65 7.82
CA ALA A 670 -14.02 18.93 6.83
C ALA A 670 -13.15 18.03 5.96
N ALA A 671 -13.48 16.74 5.93
CA ALA A 671 -12.71 15.77 5.17
C ALA A 671 -13.24 15.62 3.74
N TYR A 672 -14.55 15.62 3.60
CA TYR A 672 -15.19 15.39 2.31
C TYR A 672 -16.05 16.59 1.91
N PRO A 673 -16.35 16.71 0.61
CA PRO A 673 -17.17 17.84 0.14
C PRO A 673 -18.51 17.93 0.87
N SER A 674 -18.98 19.15 1.08
CA SER A 674 -20.16 19.42 1.91
C SER A 674 -21.36 18.54 1.55
N ASP A 675 -21.61 18.37 0.25
CA ASP A 675 -22.77 17.59 -0.20
C ASP A 675 -22.68 16.11 0.18
N GLN A 676 -21.45 15.59 0.24
CA GLN A 676 -21.25 14.16 0.47
C GLN A 676 -21.15 13.80 1.96
N ASP A 677 -21.05 14.79 2.82
CA ASP A 677 -20.85 14.52 4.24
C ASP A 677 -21.34 15.67 5.11
N ASN A 678 -22.31 15.38 5.98
CA ASN A 678 -22.88 16.38 6.88
C ASN A 678 -22.28 16.29 8.29
N ASP A 679 -21.66 15.16 8.61
CA ASP A 679 -21.13 14.90 9.93
C ASP A 679 -19.61 15.06 9.95
N VAL A 680 -19.16 16.31 10.02
CA VAL A 680 -17.74 16.62 9.88
C VAL A 680 -16.93 16.34 11.14
N PHE A 681 -17.60 16.26 12.28
CA PHE A 681 -16.91 16.05 13.55
C PHE A 681 -17.01 14.61 14.05
N GLY A 682 -17.68 13.76 13.27
CA GLY A 682 -17.81 12.35 13.63
C GLY A 682 -18.78 12.14 14.78
N GLU A 683 -19.72 13.07 14.94
CA GLU A 683 -20.71 13.00 16.01
C GLU A 683 -21.51 11.69 15.96
N LYS A 684 -22.03 11.37 14.78
CA LYS A 684 -22.83 10.16 14.61
C LYS A 684 -22.00 8.92 14.93
N LEU A 685 -20.72 8.97 14.61
CA LEU A 685 -19.83 7.82 14.82
C LEU A 685 -19.68 7.51 16.31
N ILE A 686 -19.59 8.55 17.13
CA ILE A 686 -19.35 8.39 18.56
C ILE A 686 -20.64 8.23 19.36
N GLU A 687 -21.75 8.70 18.82
CA GLU A 687 -23.04 8.57 19.49
C GLU A 687 -23.72 7.24 19.16
N THR A 688 -23.01 6.37 18.44
CA THR A 688 -23.59 5.10 18.02
C THR A 688 -23.96 4.25 19.22
N SER A 689 -24.91 3.34 19.02
CA SER A 689 -25.32 2.41 20.07
C SER A 689 -24.97 0.98 19.68
N THR A 690 -24.24 0.83 18.59
CA THR A 690 -23.78 -0.48 18.12
C THR A 690 -22.29 -0.44 17.80
N PRO A 691 -21.46 -0.14 18.80
CA PRO A 691 -20.02 0.04 18.57
C PRO A 691 -19.36 -1.25 18.06
N MET A 692 -19.52 -2.33 18.81
CA MET A 692 -18.91 -3.60 18.46
C MET A 692 -19.28 -4.03 17.05
N GLU A 693 -20.51 -3.72 16.64
CA GLU A 693 -20.96 -4.03 15.29
C GLU A 693 -20.28 -3.13 14.26
N ASP A 694 -20.35 -1.82 14.48
CA ASP A 694 -19.74 -0.86 13.57
C ASP A 694 -18.28 -1.19 13.33
N PHE A 695 -17.58 -1.60 14.37
CA PHE A 695 -16.18 -1.99 14.26
C PHE A 695 -16.05 -3.20 13.35
N ALA A 696 -16.95 -4.16 13.51
CA ALA A 696 -16.97 -5.37 12.69
C ALA A 696 -17.32 -5.03 11.25
N THR A 697 -18.34 -4.20 11.08
CA THR A 697 -18.84 -3.84 9.76
C THR A 697 -17.83 -3.00 9.00
N GLU A 698 -17.25 -2.03 9.70
CA GLU A 698 -16.39 -1.03 9.04
C GLU A 698 -14.93 -1.44 8.98
N PHE A 699 -14.48 -2.23 9.96
CA PHE A 699 -13.06 -2.60 10.03
C PHE A 699 -12.81 -4.10 10.06
N TYR A 700 -13.27 -4.76 11.12
CA TYR A 700 -12.81 -6.10 11.47
C TYR A 700 -13.23 -7.21 10.50
N ASN A 701 -14.49 -7.22 10.08
CA ASN A 701 -14.98 -8.29 9.22
C ASN A 701 -14.10 -8.52 8.01
N ASN A 702 -13.96 -7.50 7.17
CA ASN A 702 -13.18 -7.61 5.95
C ASN A 702 -11.76 -8.11 6.22
N TYR A 703 -11.16 -7.64 7.31
CA TYR A 703 -9.82 -8.08 7.68
C TYR A 703 -9.83 -9.55 8.09
N SER A 704 -10.74 -9.90 8.99
CA SER A 704 -10.82 -11.25 9.53
C SER A 704 -11.04 -12.30 8.44
N MET A 705 -11.65 -11.90 7.33
CA MET A 705 -12.01 -12.84 6.27
C MET A 705 -10.86 -13.05 5.29
N GLN A 706 -9.94 -12.09 5.20
CA GLN A 706 -8.83 -12.16 4.24
C GLN A 706 -7.51 -12.57 4.89
N VAL A 707 -7.41 -12.40 6.20
CA VAL A 707 -6.12 -12.53 6.89
C VAL A 707 -5.65 -13.98 7.01
N ARG A 708 -4.35 -14.18 6.82
CA ARG A 708 -3.73 -15.49 6.95
C ARG A 708 -3.52 -15.82 8.42
N GLU A 709 -3.72 -17.09 8.77
CA GLU A 709 -3.61 -17.53 10.16
C GLU A 709 -2.24 -17.17 10.76
N ASP A 710 -1.22 -17.10 9.92
CA ASP A 710 0.14 -16.87 10.41
C ASP A 710 0.48 -15.38 10.53
N GLU A 711 -0.50 -14.51 10.27
CA GLU A 711 -0.33 -13.08 10.47
C GLU A 711 -1.47 -12.52 11.29
N ARG A 712 -2.26 -13.42 11.88
CA ARG A 712 -3.46 -13.02 12.60
C ARG A 712 -3.13 -12.48 13.99
N ASP A 713 -3.90 -11.48 14.42
CA ASP A 713 -3.72 -10.89 15.74
C ASP A 713 -4.71 -11.52 16.71
N TYR A 714 -4.26 -12.56 17.40
CA TYR A 714 -5.13 -13.30 18.30
C TYR A 714 -5.44 -12.51 19.57
N ILE A 715 -4.54 -11.60 19.93
CA ILE A 715 -4.80 -10.71 21.05
C ILE A 715 -6.03 -9.87 20.72
N LEU A 716 -6.15 -9.47 19.45
CA LEU A 716 -7.28 -8.68 18.99
C LEU A 716 -8.55 -9.52 18.94
N ASP A 717 -8.46 -10.71 18.36
CA ASP A 717 -9.60 -11.60 18.30
C ASP A 717 -10.16 -11.84 19.70
N PHE A 718 -9.24 -12.05 20.65
CA PHE A 718 -9.62 -12.28 22.03
C PHE A 718 -10.46 -11.13 22.57
N GLU A 719 -9.93 -9.91 22.43
CA GLU A 719 -10.58 -8.72 22.99
C GLU A 719 -11.87 -8.37 22.26
N PHE A 720 -12.00 -8.83 21.02
CA PHE A 720 -13.20 -8.57 20.23
C PHE A 720 -14.32 -9.53 20.62
N ASN A 721 -14.01 -10.81 20.70
CA ASN A 721 -14.98 -11.82 21.08
C ASN A 721 -15.42 -11.67 22.53
N TYR A 722 -14.48 -11.32 23.38
CA TYR A 722 -14.76 -11.09 24.80
C TYR A 722 -15.92 -10.09 24.95
N ARG A 723 -16.01 -9.16 24.01
CA ARG A 723 -17.05 -8.13 24.05
C ARG A 723 -18.27 -8.51 23.24
N ILE A 724 -18.07 -9.32 22.20
CA ILE A 724 -19.17 -9.82 21.40
C ILE A 724 -19.99 -10.80 22.24
N GLY A 725 -19.30 -11.53 23.11
CA GLY A 725 -19.94 -12.51 23.97
C GLY A 725 -19.49 -13.92 23.66
N LYS A 726 -18.88 -14.11 22.49
CA LYS A 726 -18.41 -15.43 22.08
C LYS A 726 -17.16 -15.82 22.86
N LEU A 727 -17.36 -16.24 24.11
CA LEU A 727 -16.26 -16.66 24.96
C LEU A 727 -15.66 -17.98 24.49
N ALA A 728 -16.30 -18.62 23.51
CA ALA A 728 -15.79 -19.85 22.94
C ALA A 728 -14.61 -19.54 22.02
N LEU A 729 -14.78 -18.54 21.18
CA LEU A 729 -13.71 -18.11 20.28
C LEU A 729 -12.59 -17.43 21.07
N CYS A 730 -12.88 -17.03 22.31
CA CYS A 730 -11.86 -16.47 23.18
C CYS A 730 -10.86 -17.56 23.58
N PHE A 731 -11.38 -18.74 23.90
CA PHE A 731 -10.53 -19.88 24.24
C PHE A 731 -9.73 -20.31 23.01
N ALA A 732 -10.35 -20.19 21.84
CA ALA A 732 -9.69 -20.52 20.58
C ALA A 732 -8.56 -19.53 20.31
N SER A 733 -8.82 -18.25 20.57
CA SER A 733 -7.80 -17.23 20.38
C SER A 733 -6.59 -17.49 21.27
N LEU A 734 -6.82 -17.61 22.57
CA LEU A 734 -5.75 -17.90 23.52
C LEU A 734 -5.02 -19.18 23.14
N ASN A 735 -5.77 -20.18 22.69
CA ASN A 735 -5.20 -21.46 22.30
C ASN A 735 -4.33 -21.32 21.04
N LYS A 736 -4.93 -20.84 19.96
CA LYS A 736 -4.22 -20.64 18.71
C LYS A 736 -3.02 -19.71 18.90
N PHE A 737 -3.15 -18.78 19.85
CA PHE A 737 -2.07 -17.86 20.16
C PHE A 737 -0.97 -18.57 20.95
N ALA A 738 -1.37 -19.47 21.83
CA ALA A 738 -0.43 -20.20 22.68
C ALA A 738 0.48 -21.09 21.86
N LYS A 739 -0.03 -21.61 20.75
CA LYS A 739 0.72 -22.56 19.93
C LYS A 739 1.90 -21.91 19.23
N ARG A 740 1.78 -20.64 18.87
CA ARG A 740 2.79 -19.96 18.07
C ARG A 740 3.80 -19.20 18.93
N PHE A 741 3.44 -18.87 20.16
CA PHE A 741 4.30 -18.05 21.01
C PHE A 741 4.66 -18.73 22.33
N GLY A 742 4.11 -19.92 22.56
CA GLY A 742 4.39 -20.66 23.78
C GLY A 742 3.54 -20.20 24.95
N THR A 743 3.42 -21.05 25.96
CA THR A 743 2.62 -20.75 27.14
C THR A 743 3.46 -20.07 28.23
N THR A 744 4.66 -19.62 27.86
CA THR A 744 5.54 -18.94 28.81
C THR A 744 5.38 -17.43 28.71
N SER A 745 4.91 -16.96 27.56
CA SER A 745 4.71 -15.54 27.33
C SER A 745 3.84 -14.93 28.43
N GLY A 746 4.26 -13.78 28.95
CA GLY A 746 3.50 -13.06 29.95
C GLY A 746 2.12 -12.70 29.46
N LEU A 747 2.04 -12.31 28.19
CA LEU A 747 0.77 -12.00 27.57
C LEU A 747 -0.10 -13.24 27.48
N PHE A 748 0.53 -14.40 27.28
CA PHE A 748 -0.18 -15.67 27.24
C PHE A 748 -0.89 -15.92 28.56
N GLY A 749 -0.22 -15.60 29.65
CA GLY A 749 -0.79 -15.76 30.97
C GLY A 749 -1.80 -14.68 31.29
N SER A 750 -1.55 -13.47 30.80
CA SER A 750 -2.45 -12.35 31.02
C SER A 750 -3.83 -12.67 30.46
N MET A 751 -3.87 -13.05 29.18
CA MET A 751 -5.12 -13.46 28.54
C MET A 751 -5.80 -14.56 29.34
N ALA A 752 -5.01 -15.57 29.73
CA ALA A 752 -5.53 -16.73 30.46
C ALA A 752 -6.22 -16.30 31.75
N ILE A 753 -5.56 -15.45 32.53
CA ILE A 753 -6.11 -14.98 33.79
C ILE A 753 -7.42 -14.22 33.57
N VAL A 754 -7.45 -13.40 32.52
CA VAL A 754 -8.66 -12.67 32.16
C VAL A 754 -9.73 -13.64 31.67
N LEU A 755 -9.29 -14.79 31.17
CA LEU A 755 -10.19 -15.81 30.65
C LEU A 755 -10.72 -16.71 31.76
N LEU A 756 -9.89 -16.96 32.77
CA LEU A 756 -10.29 -17.77 33.92
C LEU A 756 -11.42 -17.06 34.68
N HIS A 757 -11.25 -15.76 34.86
CA HIS A 757 -12.25 -14.95 35.56
C HIS A 757 -13.56 -14.89 34.77
N ALA A 758 -13.51 -15.31 33.50
CA ALA A 758 -14.70 -15.36 32.67
C ALA A 758 -15.51 -16.61 32.99
N THR A 759 -14.81 -17.71 33.26
CA THR A 759 -15.45 -18.98 33.56
C THR A 759 -16.53 -18.80 34.62
N ARG A 760 -16.12 -18.33 35.80
CA ARG A 760 -17.07 -18.11 36.88
C ARG A 760 -17.11 -16.64 37.25
N ASN A 761 -18.28 -16.00 37.26
CA ASN A 761 -19.57 -16.64 36.95
C ASN A 761 -20.31 -15.88 35.86
N ASP A 762 -19.83 -16.00 34.62
CA ASP A 762 -20.50 -15.41 33.47
C ASP A 762 -20.31 -16.28 32.23
N THR A 763 -21.25 -16.23 31.29
CA THR A 763 -22.51 -15.49 31.43
C THR A 763 -23.66 -16.48 31.26
N PRO A 764 -23.77 -17.11 30.08
CA PRO A 764 -24.58 -18.33 30.02
C PRO A 764 -23.76 -19.52 30.51
N PHE A 765 -24.38 -20.44 31.24
CA PHE A 765 -23.67 -21.56 31.85
C PHE A 765 -22.96 -22.44 30.82
N ASP A 766 -23.59 -22.61 29.66
CA ASP A 766 -23.10 -23.55 28.66
C ASP A 766 -21.65 -23.23 28.24
N PRO A 767 -21.44 -22.12 27.51
CA PRO A 767 -20.06 -21.75 27.14
C PRO A 767 -19.14 -21.49 28.33
N ILE A 768 -19.70 -21.20 29.49
CA ILE A 768 -18.90 -21.06 30.72
C ILE A 768 -18.31 -22.40 31.11
N LEU A 769 -19.09 -23.46 30.90
CA LEU A 769 -18.65 -24.81 31.19
C LEU A 769 -17.74 -25.32 30.08
N LYS A 770 -18.11 -25.05 28.83
CA LYS A 770 -17.28 -25.45 27.71
C LYS A 770 -15.89 -24.81 27.82
N LYS A 771 -15.86 -23.52 28.14
CA LYS A 771 -14.59 -22.81 28.33
C LYS A 771 -13.91 -23.23 29.63
N VAL A 772 -14.71 -23.62 30.61
CA VAL A 772 -14.22 -24.06 31.91
C VAL A 772 -13.62 -25.46 31.83
N VAL A 773 -14.18 -26.28 30.93
CA VAL A 773 -13.70 -27.64 30.74
C VAL A 773 -12.55 -27.65 29.73
N THR A 774 -12.47 -26.60 28.93
CA THR A 774 -11.39 -26.44 27.95
C THR A 774 -10.03 -26.33 28.63
N LYS A 775 -10.03 -25.98 29.90
CA LYS A 775 -8.81 -25.79 30.67
C LYS A 775 -7.96 -27.05 30.78
N SER A 776 -8.53 -28.19 30.38
CA SER A 776 -7.81 -29.46 30.40
C SER A 776 -6.54 -29.39 29.54
N LEU A 777 -6.62 -28.65 28.45
CA LEU A 777 -5.49 -28.49 27.53
C LEU A 777 -4.39 -27.62 28.14
N GLU A 778 -4.64 -27.08 29.33
CA GLU A 778 -3.66 -26.27 30.03
C GLU A 778 -4.03 -26.13 31.50
N LYS A 779 -3.62 -27.10 32.32
CA LYS A 779 -3.94 -27.09 33.74
C LYS A 779 -2.68 -27.17 34.58
N ASN A 808 9.73 -8.16 34.89
CA ASN A 808 9.65 -7.91 33.46
C ASN A 808 8.28 -8.29 32.90
N ASP A 809 8.24 -8.71 31.64
CA ASP A 809 6.99 -9.05 30.98
C ASP A 809 6.01 -7.90 31.07
N ILE A 810 6.52 -6.68 30.85
CA ILE A 810 5.71 -5.47 30.93
C ILE A 810 4.45 -5.60 30.10
N ASN A 811 4.59 -6.12 28.88
CA ASN A 811 3.45 -6.35 28.00
C ASN A 811 2.34 -7.11 28.72
N GLY A 812 2.73 -8.14 29.46
CA GLY A 812 1.79 -8.96 30.21
C GLY A 812 1.08 -8.18 31.30
N LEU A 813 1.83 -7.36 32.03
CA LEU A 813 1.27 -6.58 33.13
C LEU A 813 0.36 -5.48 32.61
N LEU A 814 0.71 -4.91 31.45
CA LEU A 814 -0.08 -3.85 30.86
C LEU A 814 -1.42 -4.41 30.35
N PHE A 815 -1.40 -5.66 29.90
CA PHE A 815 -2.61 -6.31 29.42
C PHE A 815 -3.58 -6.55 30.56
N LEU A 816 -3.07 -7.12 31.66
CA LEU A 816 -3.89 -7.38 32.83
C LEU A 816 -4.47 -6.08 33.39
N TYR A 817 -3.78 -4.97 33.16
CA TYR A 817 -4.24 -3.66 33.63
C TYR A 817 -5.45 -3.20 32.84
N ARG A 818 -5.46 -3.53 31.54
CA ARG A 818 -6.57 -3.15 30.67
C ARG A 818 -7.87 -3.82 31.12
N TYR A 819 -7.75 -4.82 31.98
CA TYR A 819 -8.93 -5.51 32.51
C TYR A 819 -8.91 -5.55 34.03
N ARG A 820 -8.36 -4.50 34.64
CA ARG A 820 -8.35 -4.36 36.08
C ARG A 820 -9.76 -4.30 36.62
N ASP A 821 -10.71 -3.92 35.77
CA ASP A 821 -12.11 -3.81 36.15
C ASP A 821 -12.79 -5.18 36.16
N ASP A 822 -12.76 -5.87 35.02
CA ASP A 822 -13.41 -7.16 34.88
C ASP A 822 -12.80 -8.19 35.83
N VAL A 823 -11.49 -8.31 35.80
CA VAL A 823 -10.77 -9.23 36.68
C VAL A 823 -10.41 -8.53 37.99
N PRO A 824 -10.62 -9.20 39.12
CA PRO A 824 -10.41 -8.62 40.45
C PRO A 824 -8.95 -8.65 40.91
N ILE A 825 -8.22 -7.57 40.66
CA ILE A 825 -6.84 -7.45 41.14
C ILE A 825 -6.56 -6.00 41.52
N GLY A 826 -5.70 -5.81 42.52
CA GLY A 826 -5.37 -4.48 42.99
C GLY A 826 -4.83 -3.58 41.88
N SER A 827 -5.65 -2.62 41.47
CA SER A 827 -5.29 -1.72 40.39
C SER A 827 -4.06 -0.89 40.74
N SER A 828 -4.00 -0.43 41.99
CA SER A 828 -2.89 0.40 42.45
C SER A 828 -1.59 -0.41 42.51
N ASN A 829 -1.69 -1.62 43.03
CA ASN A 829 -0.53 -2.49 43.17
C ASN A 829 0.06 -2.88 41.82
N LEU A 830 -0.81 -3.12 40.84
CA LEU A 830 -0.38 -3.48 39.50
C LEU A 830 0.30 -2.29 38.81
N LYS A 831 -0.28 -1.10 38.99
CA LYS A 831 0.26 0.11 38.40
C LYS A 831 1.71 0.32 38.86
N GLU A 832 2.02 -0.13 40.07
CA GLU A 832 3.36 0.01 40.62
C GLU A 832 4.33 -0.96 39.94
N MET A 833 3.86 -2.18 39.66
CA MET A 833 4.69 -3.19 39.04
C MET A 833 5.03 -2.83 37.60
N ILE A 834 4.08 -2.20 36.91
CA ILE A 834 4.30 -1.78 35.54
C ILE A 834 5.30 -0.63 35.49
N ILE A 835 5.21 0.29 36.45
CA ILE A 835 6.11 1.44 36.51
C ILE A 835 7.50 1.04 36.96
N SER A 836 7.67 -0.24 37.32
CA SER A 836 8.98 -0.75 37.71
C SER A 836 9.63 -1.50 36.55
N SER A 837 8.81 -2.05 35.67
CA SER A 837 9.30 -2.76 34.49
C SER A 837 9.59 -1.79 33.35
N LEU A 838 9.42 -0.49 33.62
CA LEU A 838 9.65 0.53 32.61
C LEU A 838 11.12 0.92 32.54
N SER A 839 11.86 0.65 33.62
CA SER A 839 13.27 1.04 33.73
C SER A 839 14.05 0.82 32.42
N PRO A 840 13.98 -0.40 31.86
CA PRO A 840 14.73 -0.73 30.64
C PRO A 840 14.31 0.09 29.42
N LEU A 841 13.01 0.06 29.10
CA LEU A 841 12.50 0.73 27.91
C LEU A 841 13.03 2.17 27.75
N GLU A 842 13.20 2.58 26.50
CA GLU A 842 13.66 3.93 26.21
C GLU A 842 12.64 4.95 26.67
N PRO A 843 13.09 6.17 26.99
CA PRO A 843 12.20 7.22 27.52
C PRO A 843 10.97 7.50 26.65
N HIS A 844 11.11 7.39 25.33
CA HIS A 844 9.97 7.61 24.44
C HIS A 844 8.84 6.63 24.77
N SER A 845 9.12 5.34 24.62
CA SER A 845 8.16 4.30 24.96
C SER A 845 7.82 4.35 26.45
N GLN A 846 8.75 4.84 27.24
CA GLN A 846 8.57 4.95 28.68
C GLN A 846 7.46 5.94 29.03
N ASN A 847 7.55 7.14 28.45
CA ASN A 847 6.61 8.21 28.77
C ASN A 847 5.25 8.03 28.10
N GLU A 848 5.21 7.20 27.06
CA GLU A 848 3.96 6.92 26.36
C GLU A 848 3.01 6.13 27.25
N ILE A 849 3.58 5.20 28.03
CA ILE A 849 2.78 4.35 28.90
C ILE A 849 2.34 5.11 30.16
N LEU A 850 3.18 6.00 30.63
CA LEU A 850 2.91 6.73 31.88
C LEU A 850 1.89 7.85 31.66
N GLN A 851 1.75 8.30 30.42
CA GLN A 851 0.87 9.43 30.12
C GLN A 851 -0.46 8.98 29.50
N TYR A 852 -0.45 7.87 28.78
CA TYR A 852 -1.64 7.43 28.05
C TYR A 852 -2.10 6.02 28.39
N TYR A 853 -1.20 5.18 28.90
CA TYR A 853 -1.54 3.80 29.22
C TYR A 853 -2.12 3.69 30.61
N LEU A 854 -1.32 4.05 31.61
CA LEU A 854 -1.76 3.98 33.01
C LEU A 854 -2.02 5.39 33.54
N TYR A 855 -3.30 5.75 33.65
CA TYR A 855 -3.66 7.07 34.13
C TYR A 855 -5.07 7.07 34.73
N PRO A 856 -5.30 7.94 35.74
CA PRO A 856 -6.62 8.09 36.34
C PRO A 856 -7.66 8.63 35.36
N PRO B 2 21.13 -2.70 2.47
CA PRO B 2 21.48 -2.15 1.15
C PRO B 2 20.22 -1.97 0.30
N ILE B 3 20.40 -1.55 -0.95
CA ILE B 3 19.27 -1.32 -1.84
C ILE B 3 19.18 -2.37 -2.92
N ASN B 4 17.99 -2.97 -3.04
CA ASN B 4 17.68 -3.93 -4.08
C ASN B 4 16.94 -3.24 -5.22
N ILE B 5 17.23 -3.64 -6.46
CA ILE B 5 16.54 -3.11 -7.62
C ILE B 5 15.83 -4.25 -8.33
N ARG B 6 14.54 -4.09 -8.61
CA ARG B 6 13.78 -5.15 -9.24
C ARG B 6 12.54 -4.64 -9.95
N ARG B 7 12.00 -5.46 -10.84
CA ARG B 7 10.75 -5.16 -11.52
C ARG B 7 9.63 -4.99 -10.51
N ALA B 8 8.70 -4.10 -10.84
CA ALA B 8 7.56 -3.81 -9.96
C ALA B 8 6.40 -4.73 -10.25
N THR B 9 5.59 -4.99 -9.23
CA THR B 9 4.33 -5.69 -9.39
C THR B 9 3.26 -4.83 -8.73
N ILE B 10 2.01 -5.29 -8.75
CA ILE B 10 0.93 -4.53 -8.15
C ILE B 10 1.04 -4.52 -6.62
N ASN B 11 1.84 -5.43 -6.08
CA ASN B 11 2.09 -5.45 -4.64
C ASN B 11 2.90 -4.23 -4.17
N ASP B 12 3.40 -3.45 -5.12
CA ASP B 12 4.23 -2.29 -4.81
C ASP B 12 3.48 -0.96 -4.86
N ILE B 13 2.37 -0.93 -5.59
CA ILE B 13 1.76 0.36 -5.95
C ILE B 13 1.23 1.16 -4.76
N ILE B 14 0.75 0.49 -3.72
CA ILE B 14 0.29 1.21 -2.53
C ILE B 14 1.47 1.98 -1.93
N CYS B 15 2.61 1.32 -1.81
CA CYS B 15 3.82 1.97 -1.29
C CYS B 15 4.35 2.98 -2.30
N MET B 16 4.21 2.68 -3.59
CA MET B 16 4.64 3.60 -4.63
C MET B 16 3.86 4.90 -4.50
N GLN B 17 2.56 4.79 -4.25
CA GLN B 17 1.72 5.96 -4.04
C GLN B 17 2.22 6.74 -2.84
N ASN B 18 2.66 6.03 -1.81
CA ASN B 18 3.13 6.65 -0.59
C ASN B 18 4.42 7.43 -0.81
N ALA B 19 5.35 6.84 -1.55
CA ALA B 19 6.59 7.52 -1.90
C ALA B 19 6.26 8.80 -2.63
N ASN B 20 5.44 8.68 -3.66
CA ASN B 20 5.02 9.85 -4.44
C ASN B 20 4.44 10.93 -3.55
N LEU B 21 3.50 10.54 -2.69
CA LEU B 21 2.83 11.49 -1.80
C LEU B 21 3.82 12.22 -0.89
N HIS B 22 4.92 11.55 -0.57
CA HIS B 22 5.94 12.13 0.30
C HIS B 22 6.94 12.99 -0.46
N ASN B 23 7.27 12.57 -1.67
CA ASN B 23 8.38 13.17 -2.40
C ASN B 23 7.97 14.20 -3.45
N LEU B 24 6.70 14.22 -3.83
CA LEU B 24 6.27 15.07 -4.94
C LEU B 24 4.90 15.70 -4.69
N PRO B 25 4.65 16.87 -5.31
CA PRO B 25 3.33 17.51 -5.25
C PRO B 25 2.35 16.93 -6.26
N GLU B 26 2.87 16.27 -7.30
CA GLU B 26 2.03 15.65 -8.32
C GLU B 26 1.57 14.27 -7.84
N ASN B 27 0.29 14.16 -7.52
CA ASN B 27 -0.25 12.95 -6.91
C ASN B 27 -1.38 12.33 -7.73
N TYR B 28 -1.50 11.01 -7.63
CA TYR B 28 -2.51 10.27 -8.39
C TYR B 28 -3.26 9.31 -7.49
N MET B 29 -4.50 9.01 -7.87
CA MET B 29 -5.29 8.03 -7.14
C MET B 29 -4.82 6.63 -7.49
N MET B 30 -5.09 5.66 -6.62
CA MET B 30 -4.63 4.29 -6.81
C MET B 30 -4.94 3.77 -8.21
N LYS B 31 -6.15 4.02 -8.68
CA LYS B 31 -6.59 3.49 -9.97
C LYS B 31 -5.63 3.89 -11.10
N TYR B 32 -4.91 4.98 -10.92
CA TYR B 32 -3.95 5.44 -11.92
C TYR B 32 -2.69 4.60 -11.86
N TYR B 33 -2.36 4.11 -10.67
CA TYR B 33 -1.22 3.19 -10.52
C TYR B 33 -1.61 1.82 -11.06
N MET B 34 -2.82 1.38 -10.73
CA MET B 34 -3.34 0.12 -11.24
C MET B 34 -3.32 0.14 -12.76
N TYR B 35 -3.69 1.28 -13.32
CA TYR B 35 -3.71 1.45 -14.78
C TYR B 35 -2.34 1.22 -15.39
N HIS B 36 -1.29 1.72 -14.74
CA HIS B 36 0.08 1.50 -15.20
C HIS B 36 0.51 0.05 -15.05
N ILE B 37 0.50 -0.42 -13.80
CA ILE B 37 1.02 -1.74 -13.47
C ILE B 37 0.27 -2.87 -14.18
N LEU B 38 -0.99 -2.63 -14.53
CA LEU B 38 -1.82 -3.65 -15.19
C LEU B 38 -1.86 -3.47 -16.71
N SER B 39 -1.22 -2.43 -17.22
CA SER B 39 -1.15 -2.21 -18.66
C SER B 39 0.24 -2.53 -19.17
N TRP B 40 1.25 -2.12 -18.41
CA TRP B 40 2.64 -2.34 -18.78
C TRP B 40 3.36 -2.95 -17.58
N PRO B 41 3.03 -4.21 -17.27
CA PRO B 41 3.49 -4.94 -16.09
C PRO B 41 4.97 -5.30 -16.11
N GLU B 42 5.66 -4.98 -17.20
CA GLU B 42 7.08 -5.29 -17.31
C GLU B 42 7.94 -4.04 -17.51
N ALA B 43 7.38 -2.87 -17.22
CA ALA B 43 8.04 -1.62 -17.59
C ALA B 43 8.55 -0.80 -16.40
N SER B 44 7.85 -0.85 -15.28
CA SER B 44 8.22 -0.03 -14.13
C SER B 44 9.02 -0.84 -13.10
N PHE B 45 9.96 -0.18 -12.45
CA PHE B 45 10.87 -0.84 -11.51
C PHE B 45 10.87 -0.12 -10.17
N VAL B 46 11.24 -0.82 -9.11
CA VAL B 46 11.32 -0.22 -7.78
C VAL B 46 12.67 -0.47 -7.15
N ALA B 47 13.10 0.47 -6.32
CA ALA B 47 14.30 0.32 -5.52
C ALA B 47 13.86 0.22 -4.06
N THR B 48 14.20 -0.89 -3.42
CA THR B 48 13.78 -1.15 -2.05
C THR B 48 14.97 -1.44 -1.17
N THR B 49 14.79 -1.32 0.15
CA THR B 49 15.80 -1.80 1.09
C THR B 49 15.66 -3.31 1.16
N THR B 50 16.60 -3.97 1.82
CA THR B 50 16.57 -5.42 1.89
C THR B 50 17.24 -5.93 3.15
N THR B 51 16.67 -6.96 3.76
CA THR B 51 17.21 -7.54 4.98
C THR B 51 17.47 -9.04 4.78
N LEU B 52 18.68 -9.36 4.32
CA LEU B 52 19.05 -10.74 4.06
C LEU B 52 19.28 -11.50 5.37
N ASP B 53 18.98 -12.79 5.36
CA ASP B 53 19.28 -13.64 6.51
C ASP B 53 20.79 -13.79 6.63
N CYS B 54 21.31 -13.69 7.85
CA CYS B 54 22.73 -13.84 8.09
C CYS B 54 23.03 -15.18 8.74
N GLU B 55 24.31 -15.48 8.89
CA GLU B 55 24.73 -16.76 9.47
C GLU B 55 24.85 -16.67 10.99
N ASP B 56 24.13 -15.73 11.59
CA ASP B 56 24.15 -15.54 13.04
C ASP B 56 22.73 -15.54 13.58
N GLY B 76 14.32 -7.62 12.16
CA GLY B 76 13.14 -7.30 11.40
C GLY B 76 12.55 -8.52 10.71
N ARG B 77 11.69 -9.25 11.43
CA ARG B 77 11.09 -10.47 10.90
C ARG B 77 9.61 -10.30 10.59
N THR B 78 8.98 -9.32 11.23
CA THR B 78 7.57 -9.00 10.96
C THR B 78 7.47 -7.63 10.30
N ILE B 79 6.36 -7.37 9.61
CA ILE B 79 6.21 -6.11 8.89
C ILE B 79 5.81 -4.98 9.85
N LYS B 80 6.52 -3.87 9.78
CA LYS B 80 6.19 -2.71 10.59
C LYS B 80 4.97 -2.00 10.02
N LEU B 81 4.07 -1.56 10.89
CA LEU B 81 2.89 -0.82 10.44
C LEU B 81 3.34 0.57 10.03
N ASP B 82 4.02 0.62 8.90
CA ASP B 82 4.65 1.83 8.40
C ASP B 82 4.38 1.90 6.90
N PRO B 83 3.94 3.08 6.42
CA PRO B 83 3.44 3.20 5.04
C PRO B 83 4.48 3.00 3.94
N THR B 84 5.75 2.80 4.30
CA THR B 84 6.79 2.57 3.29
C THR B 84 7.19 1.10 3.18
N TYR B 85 6.55 0.25 3.98
CA TYR B 85 6.95 -1.15 4.05
C TYR B 85 6.21 -2.06 3.06
N LEU B 86 7.00 -2.72 2.21
CA LEU B 86 6.48 -3.66 1.21
C LEU B 86 6.38 -5.06 1.79
N ALA B 87 7.24 -5.35 2.76
CA ALA B 87 7.33 -6.68 3.34
C ALA B 87 8.25 -6.63 4.55
N PRO B 88 8.27 -7.71 5.34
CA PRO B 88 9.19 -7.71 6.48
C PRO B 88 10.60 -7.29 6.08
N GLY B 89 11.15 -6.29 6.76
CA GLY B 89 12.50 -5.82 6.51
C GLY B 89 12.73 -5.33 5.10
N GLU B 90 11.67 -4.85 4.45
CA GLU B 90 11.78 -4.34 3.09
C GLU B 90 10.90 -3.11 2.90
N LYS B 91 11.52 -1.96 2.67
CA LYS B 91 10.77 -0.73 2.47
C LYS B 91 11.19 -0.03 1.18
N LEU B 92 10.20 0.55 0.50
CA LEU B 92 10.42 1.23 -0.77
C LEU B 92 11.14 2.55 -0.55
N VAL B 93 12.21 2.79 -1.31
CA VAL B 93 12.91 4.06 -1.26
C VAL B 93 12.85 4.80 -2.60
N GLY B 94 12.41 4.10 -3.64
CA GLY B 94 12.36 4.72 -4.96
C GLY B 94 11.59 3.88 -5.96
N TYR B 95 11.16 4.52 -7.05
CA TYR B 95 10.43 3.84 -8.11
C TYR B 95 10.51 4.64 -9.39
N VAL B 96 10.32 3.96 -10.52
CA VAL B 96 10.15 4.63 -11.80
C VAL B 96 8.89 4.08 -12.49
N LEU B 97 7.86 4.91 -12.54
CA LEU B 97 6.58 4.51 -13.12
C LEU B 97 6.58 4.80 -14.62
N VAL B 98 6.31 3.77 -15.42
CA VAL B 98 6.52 3.83 -16.86
C VAL B 98 5.29 3.36 -17.66
N LYS B 99 5.12 3.92 -18.85
CA LYS B 99 4.03 3.52 -19.74
C LYS B 99 4.45 3.67 -21.20
N MET B 100 3.68 3.02 -22.08
CA MET B 100 3.79 3.29 -23.51
C MET B 100 2.71 4.29 -23.86
N ASN B 101 2.94 5.09 -24.90
CA ASN B 101 1.95 6.07 -25.32
C ASN B 101 0.75 5.35 -25.92
N ASP B 102 -0.39 5.46 -25.26
CA ASP B 102 -1.59 4.76 -25.69
C ASP B 102 -2.69 5.73 -26.14
N ASP B 103 -2.29 6.91 -26.58
CA ASP B 103 -3.23 7.88 -27.13
C ASP B 103 -3.64 7.43 -28.53
N PRO B 104 -4.94 7.26 -28.76
CA PRO B 104 -5.43 6.79 -30.06
C PRO B 104 -4.92 7.64 -31.22
N ASP B 105 -4.82 8.95 -31.01
CA ASP B 105 -4.32 9.85 -32.04
C ASP B 105 -2.93 9.45 -32.50
N GLN B 106 -2.12 8.96 -31.57
CA GLN B 106 -0.76 8.52 -31.88
C GLN B 106 -0.68 7.01 -32.12
N GLN B 107 -1.84 6.39 -32.30
CA GLN B 107 -1.90 4.95 -32.54
C GLN B 107 -1.11 4.60 -33.81
N ASN B 108 -1.21 5.46 -34.81
CA ASN B 108 -0.46 5.27 -36.06
C ASN B 108 1.00 5.64 -35.88
N GLU B 109 1.28 6.57 -34.96
CA GLU B 109 2.64 6.99 -34.68
C GLU B 109 3.48 5.82 -34.18
N PRO B 110 4.81 5.91 -34.35
CA PRO B 110 5.71 4.86 -33.87
C PRO B 110 5.60 4.67 -32.37
N PRO B 111 5.82 3.44 -31.88
CA PRO B 111 5.70 3.16 -30.44
C PRO B 111 6.73 3.93 -29.62
N ASN B 112 6.25 4.65 -28.61
CA ASN B 112 7.12 5.43 -27.73
C ASN B 112 6.63 5.35 -26.29
N GLY B 113 7.55 5.57 -25.35
CA GLY B 113 7.21 5.46 -23.93
C GLY B 113 7.31 6.77 -23.21
N HIS B 114 6.79 6.80 -21.98
CA HIS B 114 6.82 8.00 -21.16
C HIS B 114 7.13 7.64 -19.72
N ILE B 115 8.00 8.42 -19.09
CA ILE B 115 8.28 8.25 -17.66
C ILE B 115 7.27 9.07 -16.87
N THR B 116 6.15 8.43 -16.52
CA THR B 116 5.10 9.11 -15.78
C THR B 116 5.66 9.79 -14.53
N SER B 117 6.56 9.09 -13.85
CA SER B 117 7.12 9.59 -12.60
C SER B 117 8.35 8.80 -12.18
N LEU B 118 9.34 9.50 -11.64
CA LEU B 118 10.48 8.86 -11.02
C LEU B 118 10.79 9.57 -9.70
N SER B 119 10.89 8.79 -8.63
CA SER B 119 11.11 9.35 -7.30
C SER B 119 12.08 8.51 -6.48
N VAL B 120 12.98 9.19 -5.78
CA VAL B 120 13.93 8.53 -4.90
C VAL B 120 14.06 9.36 -3.63
N MET B 121 13.82 8.74 -2.47
CA MET B 121 13.99 9.43 -1.20
C MET B 121 15.32 10.17 -1.23
N ARG B 122 15.31 11.44 -0.84
CA ARG B 122 16.52 12.25 -0.88
C ARG B 122 17.60 11.67 0.02
N THR B 123 17.19 11.01 1.11
CA THR B 123 18.15 10.41 2.02
C THR B 123 18.91 9.25 1.36
N TYR B 124 18.44 8.81 0.20
CA TYR B 124 19.09 7.74 -0.54
C TYR B 124 19.70 8.23 -1.86
N ARG B 125 20.26 9.43 -1.86
CA ARG B 125 20.90 9.97 -3.05
C ARG B 125 22.39 9.62 -3.09
N ARG B 126 23.06 10.02 -4.17
CA ARG B 126 24.46 9.69 -4.38
C ARG B 126 24.71 8.20 -4.35
N MET B 127 23.72 7.41 -4.78
CA MET B 127 23.87 5.96 -4.82
C MET B 127 23.49 5.37 -6.18
N GLY B 128 23.22 6.23 -7.15
CA GLY B 128 22.94 5.78 -8.51
C GLY B 128 21.62 5.06 -8.69
N ILE B 129 20.72 5.20 -7.71
CA ILE B 129 19.43 4.51 -7.77
C ILE B 129 18.58 5.00 -8.94
N ALA B 130 18.35 6.30 -9.01
CA ALA B 130 17.55 6.85 -10.10
C ALA B 130 18.08 6.39 -11.44
N GLU B 131 19.40 6.41 -11.60
CA GLU B 131 20.01 5.97 -12.84
C GLU B 131 19.74 4.50 -13.09
N ASN B 132 19.98 3.67 -12.09
CA ASN B 132 19.72 2.24 -12.20
C ASN B 132 18.27 1.96 -12.62
N LEU B 133 17.34 2.58 -11.91
CA LEU B 133 15.92 2.44 -12.22
C LEU B 133 15.66 2.82 -13.68
N MET B 134 16.28 3.90 -14.13
CA MET B 134 16.10 4.38 -15.49
C MET B 134 16.68 3.42 -16.50
N ARG B 135 17.91 2.98 -16.29
CA ARG B 135 18.57 2.11 -17.26
C ARG B 135 17.76 0.83 -17.49
N GLN B 136 17.11 0.35 -16.44
CA GLN B 136 16.24 -0.82 -16.57
C GLN B 136 14.96 -0.44 -17.31
N ALA B 137 14.36 0.68 -16.91
CA ALA B 137 13.15 1.18 -17.54
C ALA B 137 13.33 1.32 -19.04
N LEU B 138 14.38 2.02 -19.45
CA LEU B 138 14.65 2.24 -20.86
C LEU B 138 14.81 0.92 -21.60
N PHE B 139 15.58 0.00 -21.02
CA PHE B 139 15.79 -1.30 -21.64
C PHE B 139 14.48 -2.07 -21.73
N ALA B 140 13.65 -1.96 -20.70
CA ALA B 140 12.37 -2.63 -20.67
C ALA B 140 11.50 -2.14 -21.83
N LEU B 141 11.55 -0.84 -22.07
CA LEU B 141 10.80 -0.24 -23.17
C LEU B 141 11.31 -0.74 -24.51
N ARG B 142 12.64 -0.83 -24.62
CA ARG B 142 13.26 -1.22 -25.88
C ARG B 142 13.02 -2.71 -26.19
N GLU B 143 13.02 -3.52 -25.14
CA GLU B 143 12.95 -4.97 -25.31
C GLU B 143 11.52 -5.49 -25.32
N VAL B 144 10.70 -5.00 -24.39
CA VAL B 144 9.36 -5.52 -24.22
C VAL B 144 8.34 -4.88 -25.16
N HIS B 145 8.59 -3.63 -25.55
CA HIS B 145 7.61 -2.87 -26.33
C HIS B 145 8.17 -2.28 -27.62
N GLN B 146 9.40 -2.66 -27.97
CA GLN B 146 10.07 -2.11 -29.15
C GLN B 146 9.83 -0.61 -29.25
N ALA B 147 10.01 0.10 -28.15
CA ALA B 147 9.88 1.55 -28.13
C ALA B 147 10.98 2.20 -28.95
N GLU B 148 10.63 3.21 -29.75
CA GLU B 148 11.58 3.89 -30.61
C GLU B 148 12.10 5.18 -29.98
N TYR B 149 11.39 5.68 -28.98
CA TYR B 149 11.88 6.79 -28.17
C TYR B 149 11.08 6.90 -26.88
N VAL B 150 11.60 7.67 -25.94
CA VAL B 150 10.97 7.85 -24.64
C VAL B 150 11.08 9.31 -24.23
N SER B 151 10.12 9.80 -23.45
CA SER B 151 10.14 11.21 -23.03
C SER B 151 9.65 11.38 -21.59
N LEU B 152 10.00 12.52 -20.99
CA LEU B 152 9.63 12.81 -19.61
C LEU B 152 9.74 14.31 -19.34
N HIS B 153 9.29 14.73 -18.15
CA HIS B 153 9.36 16.15 -17.78
C HIS B 153 10.03 16.35 -16.42
N VAL B 154 10.86 17.37 -16.34
CA VAL B 154 11.48 17.76 -15.08
C VAL B 154 11.34 19.26 -14.88
N ARG B 155 11.36 19.68 -13.62
CA ARG B 155 11.30 21.10 -13.31
C ARG B 155 12.58 21.78 -13.77
N GLN B 156 12.46 23.02 -14.25
CA GLN B 156 13.62 23.77 -14.73
C GLN B 156 14.69 23.89 -13.66
N SER B 157 14.27 24.04 -12.42
CA SER B 157 15.20 24.26 -11.32
C SER B 157 15.85 22.96 -10.89
N ASN B 158 15.35 21.84 -11.40
CA ASN B 158 15.98 20.54 -11.12
C ASN B 158 17.32 20.37 -11.87
N ARG B 159 18.45 20.67 -11.25
CA ARG B 159 19.71 20.59 -11.99
C ARG B 159 20.26 19.19 -11.92
N ALA B 160 20.04 18.53 -10.79
CA ALA B 160 20.51 17.16 -10.62
C ALA B 160 19.84 16.26 -11.65
N ALA B 161 18.52 16.39 -11.78
CA ALA B 161 17.77 15.59 -12.73
C ALA B 161 18.18 15.91 -14.17
N LEU B 162 18.31 17.21 -14.46
CA LEU B 162 18.74 17.63 -15.78
C LEU B 162 20.09 16.99 -16.10
N HIS B 163 21.01 17.07 -15.14
CA HIS B 163 22.34 16.49 -15.30
C HIS B 163 22.24 14.99 -15.55
N LEU B 164 21.48 14.30 -14.71
CA LEU B 164 21.34 12.85 -14.81
C LEU B 164 20.79 12.44 -16.18
N TYR B 165 19.68 13.05 -16.57
CA TYR B 165 18.97 12.65 -17.78
C TYR B 165 19.74 13.01 -19.06
N ARG B 166 20.41 14.15 -19.07
CA ARG B 166 21.09 14.62 -20.26
C ARG B 166 22.55 14.19 -20.33
N ASP B 167 23.28 14.45 -19.26
CA ASP B 167 24.73 14.22 -19.25
C ASP B 167 25.11 12.76 -19.02
N THR B 168 24.22 12.01 -18.36
CA THR B 168 24.49 10.62 -18.05
C THR B 168 23.68 9.66 -18.91
N LEU B 169 22.39 9.97 -19.11
CA LEU B 169 21.51 9.09 -19.85
C LEU B 169 21.24 9.55 -21.29
N ALA B 170 21.85 10.67 -21.67
CA ALA B 170 21.85 11.12 -23.05
C ALA B 170 20.46 11.48 -23.59
N PHE B 171 19.59 11.97 -22.72
CA PHE B 171 18.33 12.57 -23.16
C PHE B 171 18.63 13.92 -23.78
N GLU B 172 17.72 14.42 -24.61
CA GLU B 172 17.83 15.75 -25.18
C GLU B 172 16.64 16.60 -24.74
N VAL B 173 16.88 17.90 -24.52
CA VAL B 173 15.82 18.79 -24.09
C VAL B 173 15.01 19.25 -25.31
N LEU B 174 13.83 18.67 -25.48
CA LEU B 174 13.01 18.95 -26.66
C LEU B 174 12.26 20.28 -26.55
N SER B 175 11.68 20.54 -25.38
CA SER B 175 10.87 21.75 -25.20
C SER B 175 10.95 22.30 -23.78
N ILE B 176 10.58 23.57 -23.64
CA ILE B 176 10.48 24.20 -22.33
C ILE B 176 9.02 24.61 -22.11
N GLU B 177 8.29 23.80 -21.35
CA GLU B 177 6.86 24.00 -21.16
C GLU B 177 6.57 24.99 -20.04
N LYS B 178 6.09 26.18 -20.40
CA LYS B 178 5.80 27.23 -19.43
C LYS B 178 4.63 26.85 -18.53
N SER B 179 4.76 27.15 -17.24
CA SER B 179 3.72 26.88 -16.27
C SER B 179 3.17 25.46 -16.41
N TYR B 180 4.06 24.48 -16.31
CA TYR B 180 3.67 23.08 -16.47
C TYR B 180 3.13 22.50 -15.16
N TYR B 181 3.82 22.78 -14.06
CA TYR B 181 3.46 22.21 -12.77
C TYR B 181 2.42 23.06 -12.04
N GLN B 182 1.82 22.48 -11.00
CA GLN B 182 0.74 23.12 -10.27
C GLN B 182 1.12 24.51 -9.75
N ASP B 183 2.34 24.63 -9.23
CA ASP B 183 2.77 25.88 -8.61
C ASP B 183 3.27 26.90 -9.65
N GLY B 184 3.15 26.56 -10.92
CA GLY B 184 3.44 27.51 -11.99
C GLY B 184 4.85 27.44 -12.54
N GLU B 185 5.65 26.49 -12.05
CA GLU B 185 7.03 26.36 -12.52
C GLU B 185 7.08 25.75 -13.92
N ASP B 186 8.08 26.17 -14.70
CA ASP B 186 8.25 25.68 -16.06
C ASP B 186 8.95 24.32 -16.04
N ALA B 187 8.61 23.47 -17.00
CA ALA B 187 9.20 22.13 -17.09
C ALA B 187 10.11 22.02 -18.31
N TYR B 188 11.10 21.15 -18.21
CA TYR B 188 11.91 20.76 -19.35
C TYR B 188 11.39 19.42 -19.86
N ALA B 189 10.85 19.42 -21.08
CA ALA B 189 10.42 18.18 -21.70
C ALA B 189 11.62 17.56 -22.41
N MET B 190 11.94 16.32 -22.05
CA MET B 190 13.12 15.66 -22.61
C MET B 190 12.74 14.36 -23.32
N LYS B 191 13.46 14.07 -24.41
CA LYS B 191 13.22 12.86 -25.18
C LYS B 191 14.54 12.14 -25.47
N LYS B 192 14.44 10.86 -25.83
CA LYS B 192 15.62 10.06 -26.14
C LYS B 192 15.25 8.92 -27.09
N VAL B 193 16.07 8.73 -28.12
CA VAL B 193 15.83 7.63 -29.06
C VAL B 193 16.39 6.32 -28.54
N LEU B 194 15.75 5.22 -28.89
CA LEU B 194 16.18 3.90 -28.45
C LEU B 194 16.59 3.04 -29.64
N GLU B 213 32.11 -3.04 -25.38
CA GLU B 213 33.33 -3.14 -26.19
C GLU B 213 34.15 -4.36 -25.79
N GLU B 214 35.21 -4.12 -25.01
CA GLU B 214 36.08 -5.21 -24.56
C GLU B 214 36.10 -5.29 -23.04
N LYS B 215 35.04 -4.79 -22.41
CA LYS B 215 34.93 -4.83 -20.95
C LYS B 215 34.91 -6.27 -20.46
N LEU B 216 35.12 -6.44 -19.17
CA LEU B 216 35.10 -7.78 -18.57
C LEU B 216 33.67 -8.16 -18.21
N GLU B 217 33.22 -9.32 -18.69
CA GLU B 217 31.85 -9.76 -18.47
C GLU B 217 31.72 -11.27 -18.44
N ASP B 218 30.75 -11.74 -17.67
CA ASP B 218 30.42 -13.16 -17.59
C ASP B 218 30.10 -13.70 -18.98
N ASP B 219 30.78 -14.77 -19.40
CA ASP B 219 30.54 -15.37 -20.71
C ASP B 219 29.35 -16.32 -20.66
N LEU B 220 28.91 -16.66 -19.45
CA LEU B 220 27.72 -17.49 -19.26
C LEU B 220 27.94 -18.94 -19.69
N GLU B 221 29.19 -19.39 -19.65
CA GLU B 221 29.51 -20.78 -19.97
C GLU B 221 30.48 -21.35 -18.95
N SER B 222 31.69 -20.79 -18.93
CA SER B 222 32.75 -21.27 -18.06
C SER B 222 32.30 -21.32 -16.60
N ASP B 223 32.93 -22.20 -15.83
CA ASP B 223 32.63 -22.30 -14.41
C ASP B 223 33.21 -21.10 -13.66
N LEU B 224 32.39 -20.47 -12.84
CA LEU B 224 32.81 -19.26 -12.12
C LEU B 224 33.86 -19.55 -11.06
N LEU B 225 33.86 -20.77 -10.54
CA LEU B 225 34.79 -21.13 -9.48
C LEU B 225 36.01 -21.85 -10.03
N GLU B 226 37.19 -21.42 -9.61
CA GLU B 226 38.44 -22.04 -10.04
C GLU B 226 39.57 -21.65 -9.10
N ASP B 227 40.75 -22.24 -9.32
CA ASP B 227 41.92 -21.95 -8.50
C ASP B 227 41.69 -22.38 -7.05
#